data_2DPB
# 
_entry.id   2DPB 
# 
_audit_conform.dict_name       mmcif_pdbx.dic 
_audit_conform.dict_version    5.380 
_audit_conform.dict_location   http://mmcif.pdb.org/dictionaries/ascii/mmcif_pdbx.dic 
# 
loop_
_database_2.database_id 
_database_2.database_code 
_database_2.pdbx_database_accession 
_database_2.pdbx_DOI 
PDB   2DPB         pdb_00002dpb 10.2210/pdb2dpb/pdb 
NDB   BD0096       ?            ?                   
RCSB  RCSB025683   ?            ?                   
WWPDB D_1000025683 ?            ?                   
# 
loop_
_pdbx_database_related.db_name 
_pdbx_database_related.db_id 
_pdbx_database_related.details 
_pdbx_database_related.content_type 
PDB 2DP7 . unspecified 
PDB 2DPC . unspecified 
# 
_pdbx_database_status.status_code                     REL 
_pdbx_database_status.entry_id                        2DPB 
_pdbx_database_status.recvd_initial_deposition_date   2006-05-08 
_pdbx_database_status.deposit_site                    PDBJ 
_pdbx_database_status.process_site                    PDBJ 
_pdbx_database_status.status_code_sf                  REL 
_pdbx_database_status.status_code_mr                  ? 
_pdbx_database_status.SG_entry                        ? 
_pdbx_database_status.pdb_format_compatible           Y 
_pdbx_database_status.status_code_cs                  ? 
_pdbx_database_status.status_code_nmr_data            ? 
_pdbx_database_status.methods_development_category    ? 
# 
loop_
_audit_author.name 
_audit_author.pdbx_ordinal 
'Juan, E.C.M.' 1 
'Kondo, J.'    2 
'Kurihara, T.' 3 
'Ito, T.'      4 
'Ueno, Y.'     5 
'Matsuda, A.'  6 
'Takenaka, A.' 7 
# 
_citation.id                        primary 
_citation.title                     
;Crystal structures of DNA:DNA and DNA:RNA duplexes containing 5-(N-aminohexyl)carbamoyl-modified uracils reveal the basis for properties as antigene and antisense molecules
;
_citation.journal_abbrev            'Nucleic Acids Res.' 
_citation.journal_volume            35 
_citation.page_first                1969 
_citation.page_last                 1977 
_citation.year                      2007 
_citation.journal_id_ASTM           NARHAD 
_citation.country                   UK 
_citation.journal_id_ISSN           0305-1048 
_citation.journal_id_CSD            0389 
_citation.book_publisher            ? 
_citation.pdbx_database_id_PubMed   17341465 
_citation.pdbx_database_id_DOI      10.1093/nar/gkl821 
# 
loop_
_citation_author.citation_id 
_citation_author.name 
_citation_author.ordinal 
_citation_author.identifier_ORCID 
primary 'Juan, E.C.M.' 1 ? 
primary 'Kondo, J.'    2 ? 
primary 'Kurihara, T.' 3 ? 
primary 'Ito, T.'      4 ? 
primary 'Ueno, Y.'     5 ? 
primary 'Matsuda, A.'  6 ? 
primary 'Takenaka, A.' 7 ? 
# 
_cell.entry_id           2DPB 
_cell.length_a           25.539 
_cell.length_b           40.833 
_cell.length_c           64.456 
_cell.angle_alpha        90.00 
_cell.angle_beta         90.00 
_cell.angle_gamma        90.00 
_cell.Z_PDB              8 
_cell.pdbx_unique_axis   ? 
_cell.length_a_esd       ? 
_cell.length_b_esd       ? 
_cell.length_c_esd       ? 
_cell.angle_alpha_esd    ? 
_cell.angle_beta_esd     ? 
_cell.angle_gamma_esd    ? 
# 
_symmetry.entry_id                         2DPB 
_symmetry.space_group_name_H-M             'P 21 21 21' 
_symmetry.pdbx_full_space_group_name_H-M   ? 
_symmetry.cell_setting                     ? 
_symmetry.Int_Tables_number                19 
_symmetry.space_group_name_Hall            ? 
# 
loop_
_entity.id 
_entity.type 
_entity.src_method 
_entity.pdbx_description 
_entity.formula_weight 
_entity.pdbx_number_of_molecules 
_entity.pdbx_ec 
_entity.pdbx_mutation 
_entity.pdbx_fragment 
_entity.details 
1 polymer     syn 
;DNA (5'-D(*DCP*DGP*DCP*DGP*DAP*DAP*DTP*DUP*DCP*DGP*DCP*DG)-3')
;
3649.366 2   ? ? ? ? 
2 non-polymer syn '(6-AMINOHEXYL)CARBAMIC ACID'                                    160.214  2   ? ? ? ? 
3 non-polymer syn 'POTASSIUM ION'                                                  39.098   1   ? ? ? ? 
4 water       nat water                                                            18.015   236 ? ? ? ? 
# 
_entity_poly.entity_id                      1 
_entity_poly.type                           polydeoxyribonucleotide 
_entity_poly.nstd_linkage                   no 
_entity_poly.nstd_monomer                   no 
_entity_poly.pdbx_seq_one_letter_code       '(DC)(DG)(DC)(DG)(DA)(DA)(DT)(DU)(DC)(DG)(DC)(DG)' 
_entity_poly.pdbx_seq_one_letter_code_can   CGCGAATUCGCG 
_entity_poly.pdbx_strand_id                 A,B 
_entity_poly.pdbx_target_identifier         ? 
# 
loop_
_entity_poly_seq.entity_id 
_entity_poly_seq.num 
_entity_poly_seq.mon_id 
_entity_poly_seq.hetero 
1 1  DC n 
1 2  DG n 
1 3  DC n 
1 4  DG n 
1 5  DA n 
1 6  DA n 
1 7  DT n 
1 8  DU n 
1 9  DC n 
1 10 DG n 
1 11 DC n 
1 12 DG n 
# 
_pdbx_entity_src_syn.entity_id              1 
_pdbx_entity_src_syn.pdbx_src_id            1 
_pdbx_entity_src_syn.pdbx_alt_source_flag   sample 
_pdbx_entity_src_syn.pdbx_beg_seq_num       ? 
_pdbx_entity_src_syn.pdbx_end_seq_num       ? 
_pdbx_entity_src_syn.organism_scientific    ? 
_pdbx_entity_src_syn.organism_common_name   ? 
_pdbx_entity_src_syn.ncbi_taxonomy_id       ? 
_pdbx_entity_src_syn.details                'This DNA dodecamer is a synthetic construct.' 
# 
_struct_ref.id                         1 
_struct_ref.db_name                    PDB 
_struct_ref.db_code                    2DPB 
_struct_ref.entity_id                  1 
_struct_ref.pdbx_seq_one_letter_code   CGCGAATUCGCG 
_struct_ref.pdbx_align_begin           1 
_struct_ref.pdbx_db_accession          2DPB 
_struct_ref.pdbx_db_isoform            ? 
# 
loop_
_struct_ref_seq.align_id 
_struct_ref_seq.ref_id 
_struct_ref_seq.pdbx_PDB_id_code 
_struct_ref_seq.pdbx_strand_id 
_struct_ref_seq.seq_align_beg 
_struct_ref_seq.pdbx_seq_align_beg_ins_code 
_struct_ref_seq.seq_align_end 
_struct_ref_seq.pdbx_seq_align_end_ins_code 
_struct_ref_seq.pdbx_db_accession 
_struct_ref_seq.db_align_beg 
_struct_ref_seq.pdbx_db_align_beg_ins_code 
_struct_ref_seq.db_align_end 
_struct_ref_seq.pdbx_db_align_end_ins_code 
_struct_ref_seq.pdbx_auth_seq_align_beg 
_struct_ref_seq.pdbx_auth_seq_align_end 
1 1 2DPB A 1 ? 12 ? 2DPB 1  ? 12 ? 1  12 
2 1 2DPB B 1 ? 12 ? 2DPB 13 ? 24 ? 13 24 
# 
loop_
_chem_comp.id 
_chem_comp.type 
_chem_comp.mon_nstd_flag 
_chem_comp.name 
_chem_comp.pdbx_synonyms 
_chem_comp.formula 
_chem_comp.formula_weight 
CMY non-polymer   . '(6-AMINOHEXYL)CARBAMIC ACID'        ? 'C7 H16 N2 O2'    160.214 
DA  'DNA linking' y "2'-DEOXYADENOSINE-5'-MONOPHOSPHATE" ? 'C10 H14 N5 O6 P' 331.222 
DC  'DNA linking' y "2'-DEOXYCYTIDINE-5'-MONOPHOSPHATE"  ? 'C9 H14 N3 O7 P'  307.197 
DG  'DNA linking' y "2'-DEOXYGUANOSINE-5'-MONOPHOSPHATE" ? 'C10 H14 N5 O7 P' 347.221 
DT  'DNA linking' y "THYMIDINE-5'-MONOPHOSPHATE"         ? 'C10 H15 N2 O8 P' 322.208 
DU  'DNA linking' y "2'-DEOXYURIDINE-5'-MONOPHOSPHATE"   ? 'C9 H13 N2 O8 P'  308.182 
HOH non-polymer   . WATER                                ? 'H2 O'            18.015  
K   non-polymer   . 'POTASSIUM ION'                      ? 'K 1'             39.098  
# 
_exptl.entry_id          2DPB 
_exptl.method            'X-RAY DIFFRACTION' 
_exptl.crystals_number   1 
# 
_exptl_crystal.id                    1 
_exptl_crystal.density_meas          ? 
_exptl_crystal.density_Matthews      2.21 
_exptl_crystal.density_percent_sol   44.23 
_exptl_crystal.description           ? 
_exptl_crystal.F_000                 ? 
_exptl_crystal.preparation           ? 
# 
_exptl_crystal_grow.crystal_id      1 
_exptl_crystal_grow.method          'VAPOR DIFFUSION, HANGING DROP' 
_exptl_crystal_grow.temp            277 
_exptl_crystal_grow.temp_details    ? 
_exptl_crystal_grow.pH              6.0 
_exptl_crystal_grow.pdbx_details    
;20mM sodium cacodylate, pH 6.0, 40mM potassium chloride, 6mM spermine tetrahydrochloride and 5%(v/v) MPD, equilibrated against 35% (v/v) MPD, VAPOR DIFFUSION, HANGING DROP, temperature 277K
;
_exptl_crystal_grow.pdbx_pH_range   . 
# 
loop_
_exptl_crystal_grow_comp.crystal_id 
_exptl_crystal_grow_comp.id 
_exptl_crystal_grow_comp.sol_id 
_exptl_crystal_grow_comp.name 
_exptl_crystal_grow_comp.volume 
_exptl_crystal_grow_comp.conc 
_exptl_crystal_grow_comp.details 
1 1 1 'sodium cacodylate'           ? ? ? 
1 2 1 'potassium chloride'          ? ? ? 
1 3 1 'spermine tetrahydrochloride' ? ? ? 
1 4 1 MPD                           ? ? ? 
1 5 1 HOH                           ? ? ? 
1 6 2 'sodium cacodylate'           ? ? ? 
1 7 2 'potassium chloride'          ? ? ? 
1 8 2 MPD                           ? ? ? 
1 9 2 HOH                           ? ? ? 
# 
_diffrn.id                     1 
_diffrn.ambient_temp           100 
_diffrn.ambient_temp_details   ? 
_diffrn.crystal_id             1 
# 
_diffrn_detector.diffrn_id              1 
_diffrn_detector.detector               CCD 
_diffrn_detector.type                   'ADSC QUANTUM 4' 
_diffrn_detector.pdbx_collection_date   2002-01-18 
_diffrn_detector.details                ? 
# 
_diffrn_radiation.diffrn_id                        1 
_diffrn_radiation.wavelength_id                    1 
_diffrn_radiation.pdbx_monochromatic_or_laue_m_l   M 
_diffrn_radiation.monochromator                    ? 
_diffrn_radiation.pdbx_diffrn_protocol             'SINGLE WAVELENGTH' 
_diffrn_radiation.pdbx_scattering_type             x-ray 
# 
_diffrn_radiation_wavelength.id           1 
_diffrn_radiation_wavelength.wavelength   1.000 
_diffrn_radiation_wavelength.wt           1.0 
# 
_diffrn_source.diffrn_id                   1 
_diffrn_source.source                      SYNCHROTRON 
_diffrn_source.type                        'PHOTON FACTORY BEAMLINE BL-18B' 
_diffrn_source.pdbx_synchrotron_site       'Photon Factory' 
_diffrn_source.pdbx_synchrotron_beamline   BL-18B 
_diffrn_source.pdbx_wavelength             ? 
_diffrn_source.pdbx_wavelength_list        1.000 
# 
_reflns.entry_id                     2DPB 
_reflns.observed_criterion_sigma_I   0.0 
_reflns.observed_criterion_sigma_F   0.0 
_reflns.d_resolution_low             19.463 
_reflns.d_resolution_high            1.500 
_reflns.number_obs                   11296 
_reflns.number_all                   ? 
_reflns.percent_possible_obs         99.7 
_reflns.pdbx_Rmerge_I_obs            0.044 
_reflns.pdbx_Rsym_value              ? 
_reflns.pdbx_netI_over_sigmaI        7.4 
_reflns.B_iso_Wilson_estimate        ? 
_reflns.pdbx_redundancy              ? 
_reflns.R_free_details               ? 
_reflns.pdbx_chi_squared             ? 
_reflns.pdbx_scaling_rejects         ? 
_reflns.pdbx_diffrn_id               1 
_reflns.pdbx_ordinal                 1 
# 
_reflns_shell.d_res_high             1.50 
_reflns_shell.d_res_low              1.58 
_reflns_shell.percent_possible_all   99.6 
_reflns_shell.Rmerge_I_obs           0.256 
_reflns_shell.pdbx_Rsym_value        ? 
_reflns_shell.meanI_over_sigI_obs    3.0 
_reflns_shell.pdbx_redundancy        ? 
_reflns_shell.percent_possible_obs   ? 
_reflns_shell.number_unique_all      ? 
_reflns_shell.number_measured_all    ? 
_reflns_shell.number_measured_obs    ? 
_reflns_shell.number_unique_obs      ? 
_reflns_shell.pdbx_chi_squared       ? 
_reflns_shell.pdbx_diffrn_id         ? 
_reflns_shell.pdbx_ordinal           1 
# 
_refine.entry_id                                 2DPB 
_refine.ls_number_reflns_obs                     10951 
_refine.ls_number_reflns_all                     11265 
_refine.pdbx_ls_sigma_I                          ? 
_refine.pdbx_ls_sigma_F                          3.0 
_refine.pdbx_data_cutoff_high_absF               ? 
_refine.pdbx_data_cutoff_low_absF                ? 
_refine.pdbx_data_cutoff_high_rms_absF           ? 
_refine.ls_d_res_low                             10 
_refine.ls_d_res_high                            1.50 
_refine.ls_percent_reflns_obs                    97.2 
_refine.ls_R_factor_obs                          ? 
_refine.ls_R_factor_all                          ? 
_refine.ls_R_factor_R_work                       0.1934 
_refine.ls_R_factor_R_free                       0.2449 
_refine.ls_R_factor_R_free_error                 ? 
_refine.ls_R_factor_R_free_error_details         ? 
_refine.ls_percent_reflns_R_free                 ? 
_refine.ls_number_reflns_R_free                  1136 
_refine.ls_number_parameters                     ? 
_refine.ls_number_restraints                     ? 
_refine.occupancy_min                            ? 
_refine.occupancy_max                            ? 
_refine.correlation_coeff_Fo_to_Fc               ? 
_refine.correlation_coeff_Fo_to_Fc_free          ? 
_refine.B_iso_mean                               ? 
_refine.aniso_B[1][1]                            -1.466 
_refine.aniso_B[2][2]                            -1.774 
_refine.aniso_B[3][3]                            3.239 
_refine.aniso_B[1][2]                            0.000 
_refine.aniso_B[1][3]                            0.000 
_refine.aniso_B[2][3]                            0.000 
_refine.solvent_model_details                    ? 
_refine.solvent_model_param_ksol                 ? 
_refine.solvent_model_param_bsol                 ? 
_refine.pdbx_solvent_vdw_probe_radii             ? 
_refine.pdbx_solvent_ion_probe_radii             ? 
_refine.pdbx_solvent_shrinkage_radii             ? 
_refine.pdbx_ls_cross_valid_method               ? 
_refine.details                                  
;The value of the item "Number reflections (observed)" is the number of reflections used in refinement. This value excludes the reflections that have sigma(F) less than 3.0.
;
_refine.pdbx_starting_model                      'PDB ENTRY 355D' 
_refine.pdbx_method_to_determine_struct          'MOLECULAR REPLACEMENT' 
_refine.pdbx_isotropic_thermal_model             ? 
_refine.pdbx_stereochemistry_target_values       'Maximum Likelihood' 
_refine.pdbx_stereochem_target_val_spec_case     ? 
_refine.pdbx_R_Free_selection_details            RANDOM 
_refine.pdbx_overall_ESU_R                       ? 
_refine.pdbx_overall_ESU_R_Free                  ? 
_refine.overall_SU_ML                            ? 
_refine.overall_SU_B                             ? 
_refine.ls_redundancy_reflns_obs                 ? 
_refine.overall_SU_R_Cruickshank_DPI             ? 
_refine.overall_SU_R_free                        ? 
_refine.ls_wR_factor_R_free                      ? 
_refine.ls_wR_factor_R_work                      ? 
_refine.overall_FOM_free_R_set                   ? 
_refine.overall_FOM_work_R_set                   ? 
_refine.pdbx_refine_id                           'X-RAY DIFFRACTION' 
_refine.pdbx_diffrn_id                           1 
_refine.pdbx_TLS_residual_ADP_flag               ? 
_refine.pdbx_overall_phase_error                 ? 
_refine.pdbx_overall_SU_R_free_Cruickshank_DPI   ? 
_refine.pdbx_overall_SU_R_Blow_DPI               ? 
_refine.pdbx_overall_SU_R_free_Blow_DPI          ? 
# 
_refine_hist.pdbx_refine_id                   'X-RAY DIFFRACTION' 
_refine_hist.cycle_id                         LAST 
_refine_hist.pdbx_number_atoms_protein        0 
_refine_hist.pdbx_number_atoms_nucleic_acid   484 
_refine_hist.pdbx_number_atoms_ligand         21 
_refine_hist.number_atoms_solvent             236 
_refine_hist.number_atoms_total               741 
_refine_hist.d_res_high                       1.50 
_refine_hist.d_res_low                        10 
# 
_struct.entry_id                  2DPB 
_struct.title                     
;Crystal Structure of d(CGCGAATXCGCG) Where X is 5-(N-aminohexyl)carbamoyl-2'-deoxyuridine
;
_struct.pdbx_model_details        ? 
_struct.pdbx_CASP_flag            ? 
_struct.pdbx_model_type_details   ? 
# 
_struct_keywords.entry_id        2DPB 
_struct_keywords.pdbx_keywords   DNA 
_struct_keywords.text            
;modified nucleotide, 5-(N-aminohexyl)carbamoyl-2'-deoxyuridine, B-DNA, DNA
;
# 
loop_
_struct_asym.id 
_struct_asym.pdbx_blank_PDB_chainid_flag 
_struct_asym.pdbx_modified 
_struct_asym.entity_id 
_struct_asym.details 
A N N 1 ? 
B N N 1 ? 
C N N 2 ? 
D N N 3 ? 
E N N 2 ? 
F N N 4 ? 
G N N 4 ? 
# 
_struct_biol.id        1 
_struct_biol.details   ? 
# 
loop_
_struct_conn.id 
_struct_conn.conn_type_id 
_struct_conn.pdbx_leaving_atom_flag 
_struct_conn.pdbx_PDB_id 
_struct_conn.ptnr1_label_asym_id 
_struct_conn.ptnr1_label_comp_id 
_struct_conn.ptnr1_label_seq_id 
_struct_conn.ptnr1_label_atom_id 
_struct_conn.pdbx_ptnr1_label_alt_id 
_struct_conn.pdbx_ptnr1_PDB_ins_code 
_struct_conn.pdbx_ptnr1_standard_comp_id 
_struct_conn.ptnr1_symmetry 
_struct_conn.ptnr2_label_asym_id 
_struct_conn.ptnr2_label_comp_id 
_struct_conn.ptnr2_label_seq_id 
_struct_conn.ptnr2_label_atom_id 
_struct_conn.pdbx_ptnr2_label_alt_id 
_struct_conn.pdbx_ptnr2_PDB_ins_code 
_struct_conn.ptnr1_auth_asym_id 
_struct_conn.ptnr1_auth_comp_id 
_struct_conn.ptnr1_auth_seq_id 
_struct_conn.ptnr2_auth_asym_id 
_struct_conn.ptnr2_auth_comp_id 
_struct_conn.ptnr2_auth_seq_id 
_struct_conn.ptnr2_symmetry 
_struct_conn.pdbx_ptnr3_label_atom_id 
_struct_conn.pdbx_ptnr3_label_seq_id 
_struct_conn.pdbx_ptnr3_label_comp_id 
_struct_conn.pdbx_ptnr3_label_asym_id 
_struct_conn.pdbx_ptnr3_label_alt_id 
_struct_conn.pdbx_ptnr3_PDB_ins_code 
_struct_conn.details 
_struct_conn.pdbx_dist_value 
_struct_conn.pdbx_value_order 
_struct_conn.pdbx_role 
covale1  covale none ? A DU 8  C5 ? ? ? 1_555 C CMY .  C1Y ? ? A DU 8  A CMY 108 1_555 ? ? ? ? ? ? ?            1.531 ? ? 
covale2  covale none ? B DU 8  C5 ? ? ? 1_555 E CMY .  C1Y ? ? B DU 20 B CMY 120 1_555 ? ? ? ? ? ? ?            1.534 ? ? 
hydrog1  hydrog ?    ? A DC 1  N3 ? ? ? 1_555 B DG  12 N1  ? ? A DC 1  B DG  24  1_555 ? ? ? ? ? ? WATSON-CRICK ?     ? ? 
hydrog2  hydrog ?    ? A DC 1  N4 ? ? ? 1_555 B DG  12 O6  ? ? A DC 1  B DG  24  1_555 ? ? ? ? ? ? WATSON-CRICK ?     ? ? 
hydrog3  hydrog ?    ? A DC 1  O2 ? ? ? 1_555 B DG  12 N2  ? ? A DC 1  B DG  24  1_555 ? ? ? ? ? ? WATSON-CRICK ?     ? ? 
hydrog4  hydrog ?    ? A DG 2  N1 ? ? ? 1_555 B DC  11 N3  ? ? A DG 2  B DC  23  1_555 ? ? ? ? ? ? WATSON-CRICK ?     ? ? 
hydrog5  hydrog ?    ? A DG 2  N2 ? ? ? 1_555 B DC  11 O2  ? ? A DG 2  B DC  23  1_555 ? ? ? ? ? ? WATSON-CRICK ?     ? ? 
hydrog6  hydrog ?    ? A DG 2  O6 ? ? ? 1_555 B DC  11 N4  ? ? A DG 2  B DC  23  1_555 ? ? ? ? ? ? WATSON-CRICK ?     ? ? 
hydrog7  hydrog ?    ? A DC 3  N3 ? ? ? 1_555 B DG  10 N1  ? ? A DC 3  B DG  22  1_555 ? ? ? ? ? ? WATSON-CRICK ?     ? ? 
hydrog8  hydrog ?    ? A DC 3  N4 ? ? ? 1_555 B DG  10 O6  ? ? A DC 3  B DG  22  1_555 ? ? ? ? ? ? WATSON-CRICK ?     ? ? 
hydrog9  hydrog ?    ? A DC 3  O2 ? ? ? 1_555 B DG  10 N2  ? ? A DC 3  B DG  22  1_555 ? ? ? ? ? ? WATSON-CRICK ?     ? ? 
hydrog10 hydrog ?    ? A DG 4  N1 ? ? ? 1_555 B DC  9  N3  ? ? A DG 4  B DC  21  1_555 ? ? ? ? ? ? WATSON-CRICK ?     ? ? 
hydrog11 hydrog ?    ? A DG 4  N2 ? ? ? 1_555 B DC  9  O2  ? ? A DG 4  B DC  21  1_555 ? ? ? ? ? ? WATSON-CRICK ?     ? ? 
hydrog12 hydrog ?    ? A DG 4  O6 ? ? ? 1_555 B DC  9  N4  ? ? A DG 4  B DC  21  1_555 ? ? ? ? ? ? WATSON-CRICK ?     ? ? 
hydrog13 hydrog ?    ? A DA 5  N1 ? ? ? 1_555 B DU  8  N3  ? ? A DA 5  B DU  20  1_555 ? ? ? ? ? ? WATSON-CRICK ?     ? ? 
hydrog14 hydrog ?    ? A DA 5  N6 ? ? ? 1_555 B DU  8  O4  ? ? A DA 5  B DU  20  1_555 ? ? ? ? ? ? WATSON-CRICK ?     ? ? 
hydrog15 hydrog ?    ? A DA 6  N1 ? ? ? 1_555 B DT  7  N3  ? ? A DA 6  B DT  19  1_555 ? ? ? ? ? ? WATSON-CRICK ?     ? ? 
hydrog16 hydrog ?    ? A DA 6  N6 ? ? ? 1_555 B DT  7  O4  ? ? A DA 6  B DT  19  1_555 ? ? ? ? ? ? WATSON-CRICK ?     ? ? 
hydrog17 hydrog ?    ? A DT 7  N3 ? ? ? 1_555 B DA  6  N1  ? ? A DT 7  B DA  18  1_555 ? ? ? ? ? ? WATSON-CRICK ?     ? ? 
hydrog18 hydrog ?    ? A DT 7  O4 ? ? ? 1_555 B DA  6  N6  ? ? A DT 7  B DA  18  1_555 ? ? ? ? ? ? WATSON-CRICK ?     ? ? 
hydrog19 hydrog ?    ? A DU 8  N3 ? ? ? 1_555 B DA  5  N1  ? ? A DU 8  B DA  17  1_555 ? ? ? ? ? ? WATSON-CRICK ?     ? ? 
hydrog20 hydrog ?    ? A DU 8  O4 ? ? ? 1_555 B DA  5  N6  ? ? A DU 8  B DA  17  1_555 ? ? ? ? ? ? WATSON-CRICK ?     ? ? 
hydrog21 hydrog ?    ? A DC 9  N3 ? ? ? 1_555 B DG  4  N1  ? ? A DC 9  B DG  16  1_555 ? ? ? ? ? ? WATSON-CRICK ?     ? ? 
hydrog22 hydrog ?    ? A DC 9  N4 ? ? ? 1_555 B DG  4  O6  ? ? A DC 9  B DG  16  1_555 ? ? ? ? ? ? WATSON-CRICK ?     ? ? 
hydrog23 hydrog ?    ? A DC 9  O2 ? ? ? 1_555 B DG  4  N2  ? ? A DC 9  B DG  16  1_555 ? ? ? ? ? ? WATSON-CRICK ?     ? ? 
hydrog24 hydrog ?    ? A DG 10 N1 ? ? ? 1_555 B DC  3  N3  ? ? A DG 10 B DC  15  1_555 ? ? ? ? ? ? WATSON-CRICK ?     ? ? 
hydrog25 hydrog ?    ? A DG 10 N2 ? ? ? 1_555 B DC  3  O2  ? ? A DG 10 B DC  15  1_555 ? ? ? ? ? ? WATSON-CRICK ?     ? ? 
hydrog26 hydrog ?    ? A DG 10 O6 ? ? ? 1_555 B DC  3  N4  ? ? A DG 10 B DC  15  1_555 ? ? ? ? ? ? WATSON-CRICK ?     ? ? 
hydrog27 hydrog ?    ? A DC 11 N3 ? ? ? 1_555 B DG  2  N1  ? ? A DC 11 B DG  14  1_555 ? ? ? ? ? ? WATSON-CRICK ?     ? ? 
hydrog28 hydrog ?    ? A DC 11 N4 ? ? ? 1_555 B DG  2  O6  ? ? A DC 11 B DG  14  1_555 ? ? ? ? ? ? WATSON-CRICK ?     ? ? 
hydrog29 hydrog ?    ? A DC 11 O2 ? ? ? 1_555 B DG  2  N2  ? ? A DC 11 B DG  14  1_555 ? ? ? ? ? ? WATSON-CRICK ?     ? ? 
hydrog30 hydrog ?    ? A DG 12 N1 ? ? ? 1_555 B DC  1  N3  ? ? A DG 12 B DC  13  1_555 ? ? ? ? ? ? WATSON-CRICK ?     ? ? 
hydrog31 hydrog ?    ? A DG 12 N2 ? ? ? 1_555 B DC  1  O2  ? ? A DG 12 B DC  13  1_555 ? ? ? ? ? ? WATSON-CRICK ?     ? ? 
hydrog32 hydrog ?    ? A DG 12 O6 ? ? ? 1_555 B DC  1  N4  ? ? A DG 12 B DC  13  1_555 ? ? ? ? ? ? WATSON-CRICK ?     ? ? 
# 
loop_
_struct_conn_type.id 
_struct_conn_type.criteria 
_struct_conn_type.reference 
covale ? ? 
hydrog ? ? 
# 
loop_
_struct_site.id 
_struct_site.pdbx_evidence_code 
_struct_site.pdbx_auth_asym_id 
_struct_site.pdbx_auth_comp_id 
_struct_site.pdbx_auth_seq_id 
_struct_site.pdbx_auth_ins_code 
_struct_site.pdbx_num_residues 
_struct_site.details 
AC1 Software B K   1   ? 6  'BINDING SITE FOR RESIDUE K B 1'     
AC2 Software A CMY 108 ? 10 'BINDING SITE FOR RESIDUE CMY A 108' 
AC3 Software B CMY 120 ? 4  'BINDING SITE FOR RESIDUE CMY B 120' 
# 
loop_
_struct_site_gen.id 
_struct_site_gen.site_id 
_struct_site_gen.pdbx_num_res 
_struct_site_gen.label_comp_id 
_struct_site_gen.label_asym_id 
_struct_site_gen.label_seq_id 
_struct_site_gen.pdbx_auth_ins_code 
_struct_site_gen.auth_comp_id 
_struct_site_gen.auth_asym_id 
_struct_site_gen.auth_seq_id 
_struct_site_gen.label_atom_id 
_struct_site_gen.label_alt_id 
_struct_site_gen.symmetry 
_struct_site_gen.details 
1  AC1 6  DT  A 7  ? DT  A 7   . ? 1_555 ? 
2  AC1 6  DU  A 8  ? DU  A 8   . ? 1_555 ? 
3  AC1 6  DT  B 7  ? DT  B 19  . ? 1_555 ? 
4  AC1 6  DU  B 8  ? DU  B 20  . ? 1_555 ? 
5  AC1 6  HOH G .  ? HOH B 127 . ? 1_555 ? 
6  AC1 6  HOH G .  ? HOH B 135 . ? 1_555 ? 
7  AC2 10 DC  A 1  ? DC  A 1   . ? 3_645 ? 
8  AC2 10 DT  A 7  ? DT  A 7   . ? 1_555 ? 
9  AC2 10 DU  A 8  ? DU  A 8   . ? 1_555 ? 
10 AC2 10 HOH F .  ? HOH A 118 . ? 1_555 ? 
11 AC2 10 DG  B 4  ? DG  B 16  . ? 4_546 ? 
12 AC2 10 DG  B 12 ? DG  B 24  . ? 3_645 ? 
13 AC2 10 HOH G .  ? HOH B 121 . ? 4_546 ? 
14 AC2 10 HOH G .  ? HOH B 141 . ? 4_546 ? 
15 AC2 10 HOH G .  ? HOH B 184 . ? 4_446 ? 
16 AC2 10 HOH G .  ? HOH B 212 . ? 4_446 ? 
17 AC3 4  DT  B 7  ? DT  B 19  . ? 1_555 ? 
18 AC3 4  DU  B 8  ? DU  B 20  . ? 1_555 ? 
19 AC3 4  HOH G .  ? HOH B 138 . ? 1_555 ? 
20 AC3 4  HOH G .  ? HOH B 155 . ? 1_555 ? 
# 
_atom_sites.entry_id                    2DPB 
_atom_sites.fract_transf_matrix[1][1]   -0.01766772 
_atom_sites.fract_transf_matrix[1][2]   -0.03383833 
_atom_sites.fract_transf_matrix[1][3]   0.00871847 
_atom_sites.fract_transf_matrix[2][1]   -0.02185526 
_atom_sites.fract_transf_matrix[2][2]   0.01070492 
_atom_sites.fract_transf_matrix[2][3]   -0.00274085 
_atom_sites.fract_transf_matrix[3][1]   -0.00000946 
_atom_sites.fract_transf_matrix[3][2]   -0.00386614 
_atom_sites.fract_transf_matrix[3][3]   -0.01502455 
_atom_sites.fract_transf_vector[1]      0.445490 
_atom_sites.fract_transf_vector[2]      0.012992 
_atom_sites.fract_transf_vector[3]      0.419920 
# 
loop_
_atom_type.symbol 
C 
K 
N 
O 
P 
# 
loop_
_atom_site.group_PDB 
_atom_site.id 
_atom_site.type_symbol 
_atom_site.label_atom_id 
_atom_site.label_alt_id 
_atom_site.label_comp_id 
_atom_site.label_asym_id 
_atom_site.label_entity_id 
_atom_site.label_seq_id 
_atom_site.pdbx_PDB_ins_code 
_atom_site.Cartn_x 
_atom_site.Cartn_y 
_atom_site.Cartn_z 
_atom_site.occupancy 
_atom_site.B_iso_or_equiv 
_atom_site.pdbx_formal_charge 
_atom_site.auth_seq_id 
_atom_site.auth_comp_id 
_atom_site.auth_asym_id 
_atom_site.auth_atom_id 
_atom_site.pdbx_PDB_model_num 
ATOM   1   O "O5'" . DC  A 1 1  ? -10.564 16.870  13.923  1.00 19.47 ? 1   DC  A "O5'" 1 
ATOM   2   C "C5'" . DC  A 1 1  ? -9.815  15.871  14.621  1.00 18.68 ? 1   DC  A "C5'" 1 
ATOM   3   C "C4'" . DC  A 1 1  ? -8.334  16.093  14.426  1.00 18.72 ? 1   DC  A "C4'" 1 
ATOM   4   O "O4'" . DC  A 1 1  ? -7.570  15.225  15.294  1.00 16.48 ? 1   DC  A "O4'" 1 
ATOM   5   C "C3'" . DC  A 1 1  ? -7.824  15.829  13.013  1.00 19.72 ? 1   DC  A "C3'" 1 
ATOM   6   O "O3'" . DC  A 1 1  ? -6.810  16.787  12.697  1.00 21.44 ? 1   DC  A "O3'" 1 
ATOM   7   C "C2'" . DC  A 1 1  ? -7.259  14.423  13.106  1.00 17.37 ? 1   DC  A "C2'" 1 
ATOM   8   C "C1'" . DC  A 1 1  ? -6.727  14.376  14.529  1.00 16.56 ? 1   DC  A "C1'" 1 
ATOM   9   N N1    . DC  A 1 1  ? -6.743  13.049  15.165  1.00 15.44 ? 1   DC  A N1    1 
ATOM   10  C C2    . DC  A 1 1  ? -5.608  12.628  15.858  1.00 15.05 ? 1   DC  A C2    1 
ATOM   11  O O2    . DC  A 1 1  ? -4.619  13.371  15.888  1.00 15.07 ? 1   DC  A O2    1 
ATOM   12  N N3    . DC  A 1 1  ? -5.617  11.427  16.480  1.00 12.84 ? 1   DC  A N3    1 
ATOM   13  C C4    . DC  A 1 1  ? -6.708  10.660  16.430  1.00 14.88 ? 1   DC  A C4    1 
ATOM   14  N N4    . DC  A 1 1  ? -6.685  9.495   17.079  1.00 14.92 ? 1   DC  A N4    1 
ATOM   15  C C5    . DC  A 1 1  ? -7.876  11.057  15.716  1.00 14.86 ? 1   DC  A C5    1 
ATOM   16  C C6    . DC  A 1 1  ? -7.848  12.247  15.099  1.00 14.54 ? 1   DC  A C6    1 
ATOM   17  P P     . DG  A 1 2  ? -6.195  16.846  11.213  1.00 22.79 ? 2   DG  A P     1 
ATOM   18  O OP1   . DG  A 1 2  ? -5.941  18.278  10.912  1.00 25.80 ? 2   DG  A OP1   1 
ATOM   19  O OP2   . DG  A 1 2  ? -7.040  16.041  10.294  1.00 24.44 ? 2   DG  A OP2   1 
ATOM   20  O "O5'" . DG  A 1 2  ? -4.788  16.130  11.388  1.00 22.95 ? 2   DG  A "O5'" 1 
ATOM   21  C "C5'" . DG  A 1 2  ? -3.816  16.688  12.267  1.00 23.51 ? 2   DG  A "C5'" 1 
ATOM   22  C "C4'" . DG  A 1 2  ? -2.510  15.943  12.150  1.00 24.88 ? 2   DG  A "C4'" 1 
ATOM   23  O "O4'" . DG  A 1 2  ? -2.559  14.667  12.826  1.00 25.68 ? 2   DG  A "O4'" 1 
ATOM   24  C "C3'" . DG  A 1 2  ? -2.039  15.660  10.729  1.00 25.27 ? 2   DG  A "C3'" 1 
ATOM   25  O "O3'" . DG  A 1 2  ? -0.631  15.886  10.676  1.00 26.68 ? 2   DG  A "O3'" 1 
ATOM   26  C "C2'" . DG  A 1 2  ? -2.392  14.195  10.529  1.00 24.48 ? 2   DG  A "C2'" 1 
ATOM   27  C "C1'" . DG  A 1 2  ? -2.230  13.617  11.930  1.00 24.00 ? 2   DG  A "C1'" 1 
ATOM   28  N N9    . DG  A 1 2  ? -3.104  12.496  12.255  1.00 21.36 ? 2   DG  A N9    1 
ATOM   29  C C8    . DG  A 1 2  ? -4.405  12.307  11.852  1.00 19.56 ? 2   DG  A C8    1 
ATOM   30  N N7    . DG  A 1 2  ? -4.953  11.241  12.369  1.00 19.65 ? 2   DG  A N7    1 
ATOM   31  C C5    . DG  A 1 2  ? -3.949  10.681  13.149  1.00 17.62 ? 2   DG  A C5    1 
ATOM   32  C C6    . DG  A 1 2  ? -3.956  9.517   13.968  1.00 15.21 ? 2   DG  A C6    1 
ATOM   33  O O6    . DG  A 1 2  ? -4.886  8.732   14.185  1.00 16.76 ? 2   DG  A O6    1 
ATOM   34  N N1    . DG  A 1 2  ? -2.723  9.312   14.574  1.00 15.59 ? 2   DG  A N1    1 
ATOM   35  C C2    . DG  A 1 2  ? -1.623  10.120  14.423  1.00 15.68 ? 2   DG  A C2    1 
ATOM   36  N N2    . DG  A 1 2  ? -0.521  9.749   15.082  1.00 14.56 ? 2   DG  A N2    1 
ATOM   37  N N3    . DG  A 1 2  ? -1.607  11.214  13.676  1.00 17.15 ? 2   DG  A N3    1 
ATOM   38  C C4    . DG  A 1 2  ? -2.795  11.431  13.074  1.00 18.17 ? 2   DG  A C4    1 
ATOM   39  P P     . DC  A 1 3  ? 0.131   15.857  9.266   1.00 25.45 ? 3   DC  A P     1 
ATOM   40  O OP1   . DC  A 1 3  ? 0.937   17.102  9.177   1.00 28.19 ? 3   DC  A OP1   1 
ATOM   41  O OP2   . DC  A 1 3  ? -0.848  15.536  8.198   1.00 26.23 ? 3   DC  A OP2   1 
ATOM   42  O "O5'" . DC  A 1 3  ? 1.123   14.625  9.433   1.00 22.64 ? 3   DC  A "O5'" 1 
ATOM   43  C "C5'" . DC  A 1 3  ? 1.863   14.452  10.637  1.00 20.08 ? 3   DC  A "C5'" 1 
ATOM   44  C "C4'" . DC  A 1 3  ? 2.126   12.985  10.878  1.00 18.78 ? 3   DC  A "C4'" 1 
ATOM   45  O "O4'" . DC  A 1 3  ? 0.893   12.292  11.137  1.00 17.17 ? 3   DC  A "O4'" 1 
ATOM   46  C "C3'" . DC  A 1 3  ? 2.753   12.258  9.694   1.00 19.39 ? 3   DC  A "C3'" 1 
ATOM   47  O "O3'" . DC  A 1 3  ? 4.167   12.212  9.881   1.00 21.91 ? 3   DC  A "O3'" 1 
ATOM   48  C "C2'" . DC  A 1 3  ? 2.122   10.870  9.727   1.00 18.24 ? 3   DC  A "C2'" 1 
ATOM   49  C "C1'" . DC  A 1 3  ? 1.101   10.922  10.864  1.00 16.59 ? 3   DC  A "C1'" 1 
ATOM   50  N N1    . DC  A 1 3  ? -0.214  10.330  10.573  1.00 15.96 ? 3   DC  A N1    1 
ATOM   51  C C2    . DC  A 1 3  ? -0.593  9.148   11.230  1.00 14.33 ? 3   DC  A C2    1 
ATOM   52  O O2    . DC  A 1 3  ? 0.214   8.601   11.994  1.00 15.46 ? 3   DC  A O2    1 
ATOM   53  N N3    . DC  A 1 3  ? -1.830  8.639   11.011  1.00 14.38 ? 3   DC  A N3    1 
ATOM   54  C C4    . DC  A 1 3  ? -2.664  9.253   10.168  1.00 14.61 ? 3   DC  A C4    1 
ATOM   55  N N4    . DC  A 1 3  ? -3.878  8.727   9.991   1.00 17.09 ? 3   DC  A N4    1 
ATOM   56  C C5    . DC  A 1 3  ? -2.292  10.439  9.467   1.00 15.87 ? 3   DC  A C5    1 
ATOM   57  C C6    . DC  A 1 3  ? -1.070  10.934  9.694   1.00 14.74 ? 3   DC  A C6    1 
ATOM   58  P P     . DG  A 1 4  ? 5.122   11.834  8.651   1.00 23.94 ? 4   DG  A P     1 
ATOM   59  O OP1   . DG  A 1 4  ? 6.409   12.545  8.851   1.00 27.84 ? 4   DG  A OP1   1 
ATOM   60  O OP2   . DG  A 1 4  ? 4.371   12.014  7.384   1.00 25.13 ? 4   DG  A OP2   1 
ATOM   61  O "O5'" . DG  A 1 4  ? 5.370   10.279  8.863   1.00 23.80 ? 4   DG  A "O5'" 1 
ATOM   62  C "C5'" . DG  A 1 4  ? 5.725   9.772   10.144  1.00 22.69 ? 4   DG  A "C5'" 1 
ATOM   63  C "C4'" . DG  A 1 4  ? 5.466   8.287   10.197  1.00 21.91 ? 4   DG  A "C4'" 1 
ATOM   64  O "O4'" . DG  A 1 4  ? 4.039   8.033   10.183  1.00 21.35 ? 4   DG  A "O4'" 1 
ATOM   65  C "C3'" . DG  A 1 4  ? 6.036   7.526   9.000   1.00 22.97 ? 4   DG  A "C3'" 1 
ATOM   66  O "O3'" . DG  A 1 4  ? 6.499   6.256   9.440   1.00 25.27 ? 4   DG  A "O3'" 1 
ATOM   67  C "C2'" . DG  A 1 4  ? 4.822   7.329   8.112   1.00 21.66 ? 4   DG  A "C2'" 1 
ATOM   68  C "C1'" . DG  A 1 4  ? 3.758   7.095   9.162   1.00 18.95 ? 4   DG  A "C1'" 1 
ATOM   69  N N9    . DG  A 1 4  ? 2.388   7.307   8.714   1.00 17.89 ? 4   DG  A N9    1 
ATOM   70  C C8    . DG  A 1 4  ? 1.936   8.225   7.798   1.00 17.35 ? 4   DG  A C8    1 
ATOM   71  N N7    . DG  A 1 4  ? 0.649   8.154   7.597   1.00 17.71 ? 4   DG  A N7    1 
ATOM   72  C C5    . DG  A 1 4  ? 0.228   7.128   8.434   1.00 17.51 ? 4   DG  A C5    1 
ATOM   73  C C6    . DG  A 1 4  ? -1.064  6.585   8.643   1.00 14.10 ? 4   DG  A C6    1 
ATOM   74  O O6    . DG  A 1 4  ? -2.131  6.910   8.112   1.00 18.75 ? 4   DG  A O6    1 
ATOM   75  N N1    . DG  A 1 4  ? -1.037  5.554   9.578   1.00 16.72 ? 4   DG  A N1    1 
ATOM   76  C C2    . DG  A 1 4  ? 0.087   5.104   10.226  1.00 14.63 ? 4   DG  A C2    1 
ATOM   77  N N2    . DG  A 1 4  ? -0.085  4.095   11.091  1.00 17.97 ? 4   DG  A N2    1 
ATOM   78  N N3    . DG  A 1 4  ? 1.294   5.604   10.039  1.00 18.03 ? 4   DG  A N3    1 
ATOM   79  C C4    . DG  A 1 4  ? 1.291   6.604   9.134   1.00 16.42 ? 4   DG  A C4    1 
ATOM   80  P P     . DA  A 1 5  ? 7.740   5.556   8.706   1.00 26.04 ? 5   DA  A P     1 
ATOM   81  O OP1   . DA  A 1 5  ? 8.983   6.162   9.242   1.00 27.33 ? 5   DA  A OP1   1 
ATOM   82  O OP2   . DA  A 1 5  ? 7.496   5.551   7.241   1.00 27.61 ? 5   DA  A OP2   1 
ATOM   83  O "O5'" . DA  A 1 5  ? 7.652   4.059   9.235   1.00 24.17 ? 5   DA  A "O5'" 1 
ATOM   84  C "C5'" . DA  A 1 5  ? 7.416   3.792   10.612  1.00 20.50 ? 5   DA  A "C5'" 1 
ATOM   85  C "C4'" . DA  A 1 5  ? 6.490   2.608   10.757  1.00 18.76 ? 5   DA  A "C4'" 1 
ATOM   86  O "O4'" . DA  A 1 5  ? 5.149   2.968   10.351  1.00 18.12 ? 5   DA  A "O4'" 1 
ATOM   87  C "C3'" . DA  A 1 5  ? 6.885   1.395   9.918   1.00 18.59 ? 5   DA  A "C3'" 1 
ATOM   88  O "O3'" . DA  A 1 5  ? 6.816   0.219   10.724  1.00 18.77 ? 5   DA  A "O3'" 1 
ATOM   89  C "C2'" . DA  A 1 5  ? 5.876   1.384   8.780   1.00 17.68 ? 5   DA  A "C2'" 1 
ATOM   90  C "C1'" . DA  A 1 5  ? 4.653   2.056   9.385   1.00 17.08 ? 5   DA  A "C1'" 1 
ATOM   91  N N9    . DA  A 1 5  ? 3.840   2.825   8.442   1.00 13.91 ? 5   DA  A N9    1 
ATOM   92  C C8    . DA  A 1 5  ? 4.263   3.821   7.597   1.00 14.28 ? 5   DA  A C8    1 
ATOM   93  N N7    . DA  A 1 5  ? 3.298   4.372   6.903   1.00 12.92 ? 5   DA  A N7    1 
ATOM   94  C C5    . DA  A 1 5  ? 2.162   3.687   7.309   1.00 12.76 ? 5   DA  A C5    1 
ATOM   95  C C6    . DA  A 1 5  ? 0.809   3.805   6.949   1.00 13.14 ? 5   DA  A C6    1 
ATOM   96  N N6    . DA  A 1 5  ? 0.351   4.706   6.070   1.00 12.80 ? 5   DA  A N6    1 
ATOM   97  N N1    . DA  A 1 5  ? -0.070  2.962   7.531   1.00 13.70 ? 5   DA  A N1    1 
ATOM   98  C C2    . DA  A 1 5  ? 0.389   2.070   8.419   1.00 14.41 ? 5   DA  A C2    1 
ATOM   99  N N3    . DA  A 1 5  ? 1.633   1.870   8.845   1.00 13.83 ? 5   DA  A N3    1 
ATOM   100 C C4    . DA  A 1 5  ? 2.482   2.721   8.246   1.00 13.61 ? 5   DA  A C4    1 
ATOM   101 P P     . DA  A 1 6  ? 7.077   -1.220  10.064  1.00 18.64 ? 6   DA  A P     1 
ATOM   102 O OP1   . DA  A 1 6  ? 7.537   -2.114  11.157  1.00 20.45 ? 6   DA  A OP1   1 
ATOM   103 O OP2   . DA  A 1 6  ? 7.911   -1.068  8.845   1.00 19.88 ? 6   DA  A OP2   1 
ATOM   104 O "O5'" . DA  A 1 6  ? 5.623   -1.678  9.610   1.00 17.32 ? 6   DA  A "O5'" 1 
ATOM   105 C "C5'" . DA  A 1 6  ? 4.592   -1.848  10.574  1.00 15.75 ? 6   DA  A "C5'" 1 
ATOM   106 C "C4'" . DA  A 1 6  ? 3.346   -2.384  9.914   1.00 15.49 ? 6   DA  A "C4'" 1 
ATOM   107 O "O4'" . DA  A 1 6  ? 2.764   -1.377  9.061   1.00 15.75 ? 6   DA  A "O4'" 1 
ATOM   108 C "C3'" . DA  A 1 6  ? 3.542   -3.634  9.056   1.00 14.48 ? 6   DA  A "C3'" 1 
ATOM   109 O "O3'" . DA  A 1 6  ? 2.609   -4.619  9.503   1.00 13.86 ? 6   DA  A "O3'" 1 
ATOM   110 C "C2'" . DA  A 1 6  ? 3.277   -3.160  7.631   1.00 14.41 ? 6   DA  A "C2'" 1 
ATOM   111 C "C1'" . DA  A 1 6  ? 2.388   -1.938  7.818   1.00 12.73 ? 6   DA  A "C1'" 1 
ATOM   112 N N9    . DA  A 1 6  ? 2.529   -0.875  6.822   1.00 12.68 ? 6   DA  A N9    1 
ATOM   113 C C8    . DA  A 1 6  ? 3.678   -0.228  6.440   1.00 12.22 ? 6   DA  A C8    1 
ATOM   114 N N7    . DA  A 1 6  ? 3.476   0.752   5.591   1.00 12.51 ? 6   DA  A N7    1 
ATOM   115 C C5    . DA  A 1 6  ? 2.103   0.738   5.385   1.00 11.08 ? 6   DA  A C5    1 
ATOM   116 C C6    . DA  A 1 6  ? 1.252   1.538   4.596   1.00 9.53  ? 6   DA  A C6    1 
ATOM   117 N N6    . DA  A 1 6  ? 1.671   2.568   3.853   1.00 10.65 ? 6   DA  A N6    1 
ATOM   118 N N1    . DA  A 1 6  ? -0.064  1.246   4.603   1.00 11.09 ? 6   DA  A N1    1 
ATOM   119 C C2    . DA  A 1 6  ? -0.492  0.229   5.356   1.00 11.41 ? 6   DA  A C2    1 
ATOM   120 N N3    . DA  A 1 6  ? 0.204   -0.587  6.147   1.00 12.55 ? 6   DA  A N3    1 
ATOM   121 C C4    . DA  A 1 6  ? 1.511   -0.276  6.118   1.00 12.00 ? 6   DA  A C4    1 
ATOM   122 P P     . DT  A 1 7  ? 2.580   -6.077  8.831   1.00 13.70 ? 7   DT  A P     1 
ATOM   123 O OP1   . DT  A 1 7  ? 1.988   -6.976  9.857   1.00 16.47 ? 7   DT  A OP1   1 
ATOM   124 O OP2   . DT  A 1 7  ? 3.902   -6.397  8.251   1.00 14.13 ? 7   DT  A OP2   1 
ATOM   125 O "O5'" . DT  A 1 7  ? 1.529   -5.912  7.651   1.00 14.52 ? 7   DT  A "O5'" 1 
ATOM   126 C "C5'" . DT  A 1 7  ? 0.208   -5.470  7.929   1.00 13.80 ? 7   DT  A "C5'" 1 
ATOM   127 C "C4'" . DT  A 1 7  ? -0.506  -5.138  6.643   1.00 12.93 ? 7   DT  A "C4'" 1 
ATOM   128 O "O4'" . DT  A 1 7  ? 0.117   -4.006  6.010   1.00 14.27 ? 7   DT  A "O4'" 1 
ATOM   129 C "C3'" . DT  A 1 7  ? -0.500  -6.256  5.598   1.00 14.04 ? 7   DT  A "C3'" 1 
ATOM   130 O "O3'" . DT  A 1 7  ? -1.819  -6.812  5.541   1.00 15.93 ? 7   DT  A "O3'" 1 
ATOM   131 C "C2'" . DT  A 1 7  ? -0.087  -5.563  4.300   1.00 12.87 ? 7   DT  A "C2'" 1 
ATOM   132 C "C1'" . DT  A 1 7  ? -0.196  -4.082  4.642   1.00 12.31 ? 7   DT  A "C1'" 1 
ATOM   133 N N1    . DT  A 1 7  ? 0.701   -3.153  3.928   1.00 12.06 ? 7   DT  A N1    1 
ATOM   134 C C2    . DT  A 1 7  ? 0.126   -2.202  3.113   1.00 11.96 ? 7   DT  A C2    1 
ATOM   135 O O2    . DT  A 1 7  ? -1.075  -2.139  2.910   1.00 13.03 ? 7   DT  A O2    1 
ATOM   136 N N3    . DT  A 1 7  ? 1.014   -1.325  2.542   1.00 11.96 ? 7   DT  A N3    1 
ATOM   137 C C4    . DT  A 1 7  ? 2.386   -1.311  2.692   1.00 11.40 ? 7   DT  A C4    1 
ATOM   138 O O4    . DT  A 1 7  ? 3.052   -0.441  2.142   1.00 11.34 ? 7   DT  A O4    1 
ATOM   139 C C5    . DT  A 1 7  ? 2.926   -2.360  3.528   1.00 11.21 ? 7   DT  A C5    1 
ATOM   140 C C7    . DT  A 1 7  ? 4.407   -2.442  3.720   1.00 13.06 ? 7   DT  A C7    1 
ATOM   141 C C6    . DT  A 1 7  ? 2.068   -3.218  4.096   1.00 11.93 ? 7   DT  A C6    1 
ATOM   142 P P     . DU  A 1 8  ? -2.130  -8.064  4.585   1.00 17.49 ? 8   DU  A P     1 
ATOM   143 O OP1   . DU  A 1 8  ? -3.327  -8.744  5.138   1.00 20.60 ? 8   DU  A OP1   1 
ATOM   144 O OP2   . DU  A 1 8  ? -0.891  -8.843  4.345   1.00 18.27 ? 8   DU  A OP2   1 
ATOM   145 O "O5'" . DU  A 1 8  ? -2.552  -7.372  3.218   1.00 16.50 ? 8   DU  A "O5'" 1 
ATOM   146 C "C5'" . DU  A 1 8  ? -3.582  -6.393  3.208   1.00 15.01 ? 8   DU  A "C5'" 1 
ATOM   147 C "C4'" . DU  A 1 8  ? -3.571  -5.635  1.904   1.00 14.74 ? 8   DU  A "C4'" 1 
ATOM   148 O "O4'" . DU  A 1 8  ? -2.360  -4.871  1.767   1.00 14.35 ? 8   DU  A "O4'" 1 
ATOM   149 C "C3'" . DU  A 1 8  ? -3.664  -6.489  0.637   1.00 15.33 ? 8   DU  A "C3'" 1 
ATOM   150 O "O3'" . DU  A 1 8  ? -5.012  -6.445  0.159   1.00 16.96 ? 8   DU  A "O3'" 1 
ATOM   151 C "C2'" . DU  A 1 8  ? -2.683  -5.832  -0.331  1.00 14.56 ? 8   DU  A "C2'" 1 
ATOM   152 C "C1'" . DU  A 1 8  ? -2.241  -4.568  0.395   1.00 12.93 ? 8   DU  A "C1'" 1 
ATOM   153 N N1    . DU  A 1 8  ? -0.857  -4.125  0.150   1.00 10.75 ? 8   DU  A N1    1 
ATOM   154 C C2    . DU  A 1 8  ? -0.663  -3.014  -0.636  1.00 11.37 ? 8   DU  A C2    1 
ATOM   155 O O2    . DU  A 1 8  ? -1.573  -2.419  -1.180  1.00 12.57 ? 8   DU  A O2    1 
ATOM   156 N N3    . DU  A 1 8  ? 0.642   -2.630  -0.768  1.00 10.03 ? 8   DU  A N3    1 
ATOM   157 C C4    . DU  A 1 8  ? 1.754   -3.240  -0.221  1.00 10.77 ? 8   DU  A C4    1 
ATOM   158 O O4    . DU  A 1 8  ? 2.863   -2.758  -0.418  1.00 11.73 ? 8   DU  A O4    1 
ATOM   159 C C5    . DU  A 1 8  ? 1.486   -4.433  0.568   1.00 10.42 ? 8   DU  A C5    1 
ATOM   160 C C6    . DU  A 1 8  ? 0.204   -4.797  0.710   1.00 11.43 ? 8   DU  A C6    1 
ATOM   161 P P     . DC  A 1 9  ? -5.380  -7.056  -1.278  1.00 17.48 ? 9   DC  A P     1 
ATOM   162 O OP1   . DC  A 1 9  ? -6.829  -7.398  -1.242  1.00 20.50 ? 9   DC  A OP1   1 
ATOM   163 O OP2   . DC  A 1 9  ? -4.392  -8.096  -1.651  1.00 20.00 ? 9   DC  A OP2   1 
ATOM   164 O "O5'" . DC  A 1 9  ? -5.196  -5.812  -2.253  1.00 17.01 ? 9   DC  A "O5'" 1 
ATOM   165 C "C5'" . DC  A 1 9  ? -5.755  -4.547  -1.915  1.00 15.93 ? 9   DC  A "C5'" 1 
ATOM   166 C "C4'" . DC  A 1 9  ? -5.481  -3.547  -3.012  1.00 14.78 ? 9   DC  A "C4'" 1 
ATOM   167 O "O4'" . DC  A 1 9  ? -4.083  -3.187  -3.058  1.00 14.25 ? 9   DC  A "O4'" 1 
ATOM   168 C "C3'" . DC  A 1 9  ? -5.855  -4.006  -4.418  1.00 15.22 ? 9   DC  A "C3'" 1 
ATOM   169 O "O3'" . DC  A 1 9  ? -6.561  -2.940  -5.054  1.00 17.35 ? 9   DC  A "O3'" 1 
ATOM   170 C "C2'" . DC  A 1 9  ? -4.511  -4.285  -5.079  1.00 14.28 ? 9   DC  A "C2'" 1 
ATOM   171 C "C1'" . DC  A 1 9  ? -3.581  -3.309  -4.378  1.00 12.91 ? 9   DC  A "C1'" 1 
ATOM   172 N N1    . DC  A 1 9  ? -2.171  -3.721  -4.256  1.00 11.38 ? 9   DC  A N1    1 
ATOM   173 C C2    . DC  A 1 9  ? -1.165  -2.870  -4.736  1.00 10.73 ? 9   DC  A C2    1 
ATOM   174 O O2    . DC  A 1 9  ? -1.482  -1.854  -5.371  1.00 11.67 ? 9   DC  A O2    1 
ATOM   175 N N3    . DC  A 1 9  ? 0.129   -3.182  -4.498  1.00 10.43 ? 9   DC  A N3    1 
ATOM   176 C C4    . DC  A 1 9  ? 0.437   -4.294  -3.829  1.00 10.48 ? 9   DC  A C4    1 
ATOM   177 N N4    . DC  A 1 9  ? 1.724   -4.524  -3.560  1.00 12.57 ? 9   DC  A N4    1 
ATOM   178 C C5    . DC  A 1 9  ? -0.562  -5.211  -3.392  1.00 11.00 ? 9   DC  A C5    1 
ATOM   179 C C6    . DC  A 1 9  ? -1.842  -4.889  -3.628  1.00 11.23 ? 9   DC  A C6    1 
ATOM   180 P P     . DG  A 1 10 ? -7.546  -3.249  -6.279  1.00 20.00 ? 10  DG  A P     1 
ATOM   181 O OP1   . DG  A 1 10 ? -8.553  -2.160  -6.281  1.00 21.41 ? 10  DG  A OP1   1 
ATOM   182 O OP2   . DG  A 1 10 ? -7.989  -4.665  -6.238  1.00 19.67 ? 10  DG  A OP2   1 
ATOM   183 O "O5'" . DG  A 1 10 ? -6.612  -3.066  -7.551  1.00 18.43 ? 10  DG  A "O5'" 1 
ATOM   184 C "C5'" . DG  A 1 10 ? -6.048  -1.798  -7.856  1.00 18.05 ? 10  DG  A "C5'" 1 
ATOM   185 C "C4'" . DG  A 1 10 ? -4.921  -1.967  -8.843  1.00 17.84 ? 10  DG  A "C4'" 1 
ATOM   186 O "O4'" . DG  A 1 10 ? -3.766  -2.543  -8.189  1.00 16.28 ? 10  DG  A "O4'" 1 
ATOM   187 C "C3'" . DG  A 1 10 ? -5.252  -2.906  -10.009 1.00 18.13 ? 10  DG  A "C3'" 1 
ATOM   188 O "O3'" . DG  A 1 10 ? -4.710  -2.354  -11.207 1.00 19.14 ? 10  DG  A "O3'" 1 
ATOM   189 C "C2'" . DG  A 1 10 ? -4.474  -4.166  -9.661  1.00 17.20 ? 10  DG  A "C2'" 1 
ATOM   190 C "C1'" . DG  A 1 10 ? -3.248  -3.518  -9.066  1.00 15.49 ? 10  DG  A "C1'" 1 
ATOM   191 N N9    . DG  A 1 10 ? -2.309  -4.354  -8.326  1.00 13.05 ? 10  DG  A N9    1 
ATOM   192 C C8    . DG  A 1 10 ? -2.535  -5.543  -7.675  1.00 13.55 ? 10  DG  A C8    1 
ATOM   193 N N7    . DG  A 1 10 ? -1.457  -6.029  -7.114  1.00 13.66 ? 10  DG  A N7    1 
ATOM   194 C C5    . DG  A 1 10 ? -0.468  -5.100  -7.415  1.00 12.85 ? 10  DG  A C5    1 
ATOM   195 C C6    . DG  A 1 10 ? 0.917   -5.072  -7.076  1.00 12.22 ? 10  DG  A C6    1 
ATOM   196 O O6    . DG  A 1 10 ? 1.569   -5.889  -6.415  1.00 13.01 ? 10  DG  A O6    1 
ATOM   197 N N1    . DG  A 1 10 ? 1.545   -3.942  -7.595  1.00 12.75 ? 10  DG  A N1    1 
ATOM   198 C C2    . DG  A 1 10 ? 0.930   -2.967  -8.341  1.00 12.35 ? 10  DG  A C2    1 
ATOM   199 N N2    . DG  A 1 10 ? 1.704   -1.960  -8.773  1.00 12.03 ? 10  DG  A N2    1 
ATOM   200 N N3    . DG  A 1 10 ? -0.354  -2.978  -8.648  1.00 12.72 ? 10  DG  A N3    1 
ATOM   201 C C4    . DG  A 1 10 ? -0.983  -4.065  -8.161  1.00 13.17 ? 10  DG  A C4    1 
ATOM   202 P P     . DC  A 1 11 ? -5.671  -1.606  -12.252 1.00 20.40 ? 11  DC  A P     1 
ATOM   203 O OP1   . DC  A 1 11 ? -6.772  -0.955  -11.495 1.00 22.88 ? 11  DC  A OP1   1 
ATOM   204 O OP2   . DC  A 1 11 ? -5.992  -2.535  -13.362 1.00 23.19 ? 11  DC  A OP2   1 
ATOM   205 O "O5'" . DC  A 1 11 ? -4.734  -0.458  -12.834 1.00 20.88 ? 11  DC  A "O5'" 1 
ATOM   206 C "C5'" . DC  A 1 11 ? -4.314  0.627   -12.011 1.00 20.52 ? 11  DC  A "C5'" 1 
ATOM   207 C "C4'" . DC  A 1 11 ? -2.851  0.928   -12.243 1.00 21.29 ? 11  DC  A "C4'" 1 
ATOM   208 O "O4'" . DC  A 1 11 ? -2.017  -0.121  -11.704 1.00 19.50 ? 11  DC  A "O4'" 1 
ATOM   209 C "C3'" . DC  A 1 11 ? -2.421  1.103   -13.698 1.00 20.95 ? 11  DC  A "C3'" 1 
ATOM   210 O "O3'" . DC  A 1 11 ? -1.494  2.190   -13.775 1.00 23.32 ? 11  DC  A "O3'" 1 
ATOM   211 C "C2'" . DC  A 1 11 ? -1.746  -0.220  -14.024 1.00 20.41 ? 11  DC  A "C2'" 1 
ATOM   212 C "C1'" . DC  A 1 11 ? -1.107  -0.574  -12.693 1.00 18.20 ? 11  DC  A "C1'" 1 
ATOM   213 N N1    . DC  A 1 11 ? -0.871  -2.000  -12.432 1.00 16.95 ? 11  DC  A N1    1 
ATOM   214 C C2    . DC  A 1 11 ? 0.395   -2.399  -11.999 1.00 15.42 ? 11  DC  A C2    1 
ATOM   215 O O2    . DC  A 1 11 ? 1.306   -1.560  -11.969 1.00 16.04 ? 11  DC  A O2    1 
ATOM   216 N N3    . DC  A 1 11 ? 0.592   -3.684  -11.627 1.00 16.69 ? 11  DC  A N3    1 
ATOM   217 C C4    . DC  A 1 11 ? -0.415  -4.557  -11.691 1.00 14.18 ? 11  DC  A C4    1 
ATOM   218 N N4    . DC  A 1 11 ? -0.197  -5.798  -11.246 1.00 16.68 ? 11  DC  A N4    1 
ATOM   219 C C5    . DC  A 1 11 ? -1.698  -4.193  -12.197 1.00 18.00 ? 11  DC  A C5    1 
ATOM   220 C C6    . DC  A 1 11 ? -1.879  -2.917  -12.558 1.00 15.77 ? 11  DC  A C6    1 
ATOM   221 P P     . DG  A 1 12 ? -1.108  2.813   -15.204 1.00 25.27 ? 12  DG  A P     1 
ATOM   222 O OP1   . DG  A 1 12 ? -0.714  4.225   -14.975 1.00 26.02 ? 12  DG  A OP1   1 
ATOM   223 O OP2   . DG  A 1 12 ? -2.191  2.501   -16.172 1.00 27.51 ? 12  DG  A OP2   1 
ATOM   224 O "O5'" . DG  A 1 12 ? 0.185   1.992   -15.629 1.00 25.72 ? 12  DG  A "O5'" 1 
ATOM   225 C "C5'" . DG  A 1 12 ? 1.472   2.350   -15.129 1.00 24.13 ? 12  DG  A "C5'" 1 
ATOM   226 C "C4'" . DG  A 1 12 ? 2.549   1.596   -15.874 1.00 23.93 ? 12  DG  A "C4'" 1 
ATOM   227 O "O4'" . DG  A 1 12 ? 2.652   0.234   -15.395 1.00 24.78 ? 12  DG  A "O4'" 1 
ATOM   228 C "C3'" . DG  A 1 12 ? 2.348   1.512   -17.387 1.00 23.94 ? 12  DG  A "C3'" 1 
ATOM   229 O "O3'" . DG  A 1 12 ? 3.578   1.781   -18.051 1.00 25.10 ? 12  DG  A "O3'" 1 
ATOM   230 C "C2'" . DG  A 1 12 ? 1.935   0.066   -17.617 1.00 23.53 ? 12  DG  A "C2'" 1 
ATOM   231 C "C1'" . DG  A 1 12 ? 2.627   -0.674  -16.483 1.00 23.60 ? 12  DG  A "C1'" 1 
ATOM   232 N N9    . DG  A 1 12 ? 1.938   -1.879  -16.026 1.00 20.72 ? 12  DG  A N9    1 
ATOM   233 C C8    . DG  A 1 12 ? 0.590   -2.132  -16.086 1.00 21.14 ? 12  DG  A C8    1 
ATOM   234 N N7    . DG  A 1 12 ? 0.259   -3.280  -15.562 1.00 20.39 ? 12  DG  A N7    1 
ATOM   235 C C5    . DG  A 1 12 ? 1.463   -3.825  -15.135 1.00 20.43 ? 12  DG  A C5    1 
ATOM   236 C C6    . DG  A 1 12 ? 1.735   -5.059  -14.482 1.00 17.84 ? 12  DG  A C6    1 
ATOM   237 O O6    . DG  A 1 12 ? 0.940   -5.943  -14.133 1.00 20.78 ? 12  DG  A O6    1 
ATOM   238 N N1    . DG  A 1 12 ? 3.093   -5.219  -14.234 1.00 18.18 ? 12  DG  A N1    1 
ATOM   239 C C2    . DG  A 1 12 ? 4.067   -4.313  -14.566 1.00 17.28 ? 12  DG  A C2    1 
ATOM   240 N N2    . DG  A 1 12 ? 5.321   -4.657  -14.243 1.00 18.03 ? 12  DG  A N2    1 
ATOM   241 N N3    . DG  A 1 12 ? 3.828   -3.156  -15.171 1.00 19.73 ? 12  DG  A N3    1 
ATOM   242 C C4    . DG  A 1 12 ? 2.513   -2.979  -15.424 1.00 18.75 ? 12  DG  A C4    1 
ATOM   243 O "O5'" . DC  B 1 1  ? 6.558   -13.340 -13.427 1.00 30.79 ? 13  DC  B "O5'" 1 
ATOM   244 C "C5'" . DC  B 1 1  ? 7.052   -12.917 -12.157 1.00 27.13 ? 13  DC  B "C5'" 1 
ATOM   245 C "C4'" . DC  B 1 1  ? 7.957   -11.717 -12.310 1.00 25.77 ? 13  DC  B "C4'" 1 
ATOM   246 O "O4'" . DC  B 1 1  ? 7.228   -10.648 -12.949 1.00 24.28 ? 13  DC  B "O4'" 1 
ATOM   247 C "C3'" . DC  B 1 1  ? 8.488   -11.136 -11.004 1.00 25.12 ? 13  DC  B "C3'" 1 
ATOM   248 O "O3'" . DC  B 1 1  ? 9.810   -10.623 -11.197 1.00 24.29 ? 13  DC  B "O3'" 1 
ATOM   249 C "C2'" . DC  B 1 1  ? 7.498   -10.033 -10.677 1.00 23.41 ? 13  DC  B "C2'" 1 
ATOM   250 C "C1'" . DC  B 1 1  ? 7.000   -9.575  -12.045 1.00 24.23 ? 13  DC  B "C1'" 1 
ATOM   251 N N1    . DC  B 1 1  ? 5.566   -9.251  -12.106 1.00 22.32 ? 13  DC  B N1    1 
ATOM   252 C C2    . DC  B 1 1  ? 5.171   -8.029  -12.667 1.00 22.93 ? 13  DC  B C2    1 
ATOM   253 O O2    . DC  B 1 1  ? 6.042   -7.237  -13.053 1.00 22.74 ? 13  DC  B O2    1 
ATOM   254 N N3    . DC  B 1 1  ? 3.853   -7.743  -12.770 1.00 19.93 ? 13  DC  B N3    1 
ATOM   255 C C4    . DC  B 1 1  ? 2.946   -8.618  -12.329 1.00 21.46 ? 13  DC  B C4    1 
ATOM   256 N N4    . DC  B 1 1  ? 1.658   -8.302  -12.467 1.00 20.68 ? 13  DC  B N4    1 
ATOM   257 C C5    . DC  B 1 1  ? 3.322   -9.857  -11.731 1.00 22.32 ? 13  DC  B C5    1 
ATOM   258 C C6    . DC  B 1 1  ? 4.630   -10.131 -11.640 1.00 22.80 ? 13  DC  B C6    1 
ATOM   259 P P     . DG  B 1 2  ? 10.724  -10.289 -9.921  1.00 24.32 ? 14  DG  B P     1 
ATOM   260 O OP1   . DG  B 1 2  ? 12.143  -10.518 -10.307 1.00 25.87 ? 14  DG  B OP1   1 
ATOM   261 O OP2   . DG  B 1 2  ? 10.160  -10.992 -8.744  1.00 25.92 ? 14  DG  B OP2   1 
ATOM   262 O "O5'" . DG  B 1 2  ? 10.512  -8.724  -9.714  1.00 22.10 ? 14  DG  B "O5'" 1 
ATOM   263 C "C5'" . DG  B 1 2  ? 10.849  -7.807  -10.747 1.00 20.30 ? 14  DG  B "C5'" 1 
ATOM   264 C "C4'" . DG  B 1 2  ? 10.123  -6.500  -10.536 1.00 17.45 ? 14  DG  B "C4'" 1 
ATOM   265 O "O4'" . DG  B 1 2  ? 8.710   -6.660  -10.744 1.00 16.88 ? 14  DG  B "O4'" 1 
ATOM   266 C "C3'" . DG  B 1 2  ? 10.266  -5.912  -9.134  1.00 15.93 ? 14  DG  B "C3'" 1 
ATOM   267 O "O3'" . DG  B 1 2  ? 11.242  -4.875  -9.167  1.00 15.73 ? 14  DG  B "O3'" 1 
ATOM   268 C "C2'" . DG  B 1 2  ? 8.883   -5.366  -8.803  1.00 16.76 ? 14  DG  B "C2'" 1 
ATOM   269 C "C1'" . DG  B 1 2  ? 8.064   -5.601  -10.064 1.00 15.87 ? 14  DG  B "C1'" 1 
ATOM   270 N N9    . DG  B 1 2  ? 6.684   -6.009  -9.813  1.00 15.65 ? 14  DG  B N9    1 
ATOM   271 C C8    . DG  B 1 2  ? 6.269   -7.130  -9.136  1.00 15.91 ? 14  DG  B C8    1 
ATOM   272 N N7    . DG  B 1 2  ? 4.970   -7.248  -9.089  1.00 15.63 ? 14  DG  B N7    1 
ATOM   273 C C5    . DG  B 1 2  ? 4.498   -6.135  -9.770  1.00 13.99 ? 14  DG  B C5    1 
ATOM   274 C C6    . DG  B 1 2  ? 3.168   -5.728  -10.049 1.00 13.43 ? 14  DG  B C6    1 
ATOM   275 O O6    . DG  B 1 2  ? 2.111   -6.300  -9.758  1.00 14.26 ? 14  DG  B O6    1 
ATOM   276 N N1    . DG  B 1 2  ? 3.137   -4.529  -10.753 1.00 13.23 ? 14  DG  B N1    1 
ATOM   277 C C2    . DG  B 1 2  ? 4.241   -3.815  -11.152 1.00 12.00 ? 14  DG  B C2    1 
ATOM   278 N N2    . DG  B 1 2  ? 4.002   -2.673  -11.816 1.00 13.41 ? 14  DG  B N2    1 
ATOM   279 N N3    . DG  B 1 2  ? 5.490   -4.193  -10.914 1.00 13.30 ? 14  DG  B N3    1 
ATOM   280 C C4    . DG  B 1 2  ? 5.542   -5.355  -10.219 1.00 14.17 ? 14  DG  B C4    1 
ATOM   281 P P     . DC  B 1 3  ? 11.549  -4.026  -7.848  1.00 15.56 ? 15  DC  B P     1 
ATOM   282 O OP1   . DC  B 1 3  ? 12.942  -3.534  -8.005  1.00 16.53 ? 15  DC  B OP1   1 
ATOM   283 O OP2   . DC  B 1 3  ? 11.177  -4.801  -6.643  1.00 15.80 ? 15  DC  B OP2   1 
ATOM   284 O "O5'" . DC  B 1 3  ? 10.561  -2.785  -7.961  1.00 12.94 ? 15  DC  B "O5'" 1 
ATOM   285 C "C5'" . DC  B 1 3  ? 10.598  -1.941  -9.105  1.00 12.31 ? 15  DC  B "C5'" 1 
ATOM   286 C "C4'" . DC  B 1 3  ? 9.296   -1.192  -9.246  1.00 13.09 ? 15  DC  B "C4'" 1 
ATOM   287 O "O4'" . DC  B 1 3  ? 8.206   -2.130  -9.332  1.00 13.31 ? 15  DC  B "O4'" 1 
ATOM   288 C "C3'" . DC  B 1 3  ? 8.935   -0.291  -8.073  1.00 13.56 ? 15  DC  B "C3'" 1 
ATOM   289 O "O3'" . DC  B 1 3  ? 9.571   0.979   -8.247  1.00 14.27 ? 15  DC  B "O3'" 1 
ATOM   290 C "C2'" . DC  B 1 3  ? 7.426   -0.179  -8.203  1.00 14.47 ? 15  DC  B "C2'" 1 
ATOM   291 C "C1'" . DC  B 1 3  ? 7.019   -1.513  -8.835  1.00 13.17 ? 15  DC  B "C1'" 1 
ATOM   292 N N1    . DC  B 1 3  ? 6.364   -2.466  -7.924  1.00 12.01 ? 15  DC  B N1    1 
ATOM   293 C C2    . DC  B 1 3  ? 4.974   -2.593  -7.977  1.00 11.08 ? 15  DC  B C2    1 
ATOM   294 O O2    . DC  B 1 3  ? 4.335   -1.834  -8.719  1.00 13.18 ? 15  DC  B O2    1 
ATOM   295 N N3    . DC  B 1 3  ? 4.365   -3.527  -7.214  1.00 11.10 ? 15  DC  B N3    1 
ATOM   296 C C4    . DC  B 1 3  ? 5.090   -4.301  -6.402  1.00 10.64 ? 15  DC  B C4    1 
ATOM   297 N N4    . DC  B 1 3  ? 4.453   -5.241  -5.700  1.00 12.93 ? 15  DC  B N4    1 
ATOM   298 C C5    . DC  B 1 3  ? 6.502   -4.154  -6.286  1.00 12.19 ? 15  DC  B C5    1 
ATOM   299 C C6    . DC  B 1 3  ? 7.093   -3.234  -7.060  1.00 13.49 ? 15  DC  B C6    1 
ATOM   300 P P     . DG  B 1 4  ? 9.676   2.001   -7.015  1.00 15.26 ? 16  DG  B P     1 
ATOM   301 O OP1   . DG  B 1 4  ? 10.724  2.992   -7.377  1.00 17.99 ? 16  DG  B OP1   1 
ATOM   302 O OP2   . DG  B 1 4  ? 9.787   1.248   -5.744  1.00 16.04 ? 16  DG  B OP2   1 
ATOM   303 O "O5'" . DG  B 1 4  ? 8.275   2.759   -7.014  1.00 14.99 ? 16  DG  B "O5'" 1 
ATOM   304 C "C5'" . DG  B 1 4  ? 7.847   3.495   -8.155  1.00 13.94 ? 16  DG  B "C5'" 1 
ATOM   305 C "C4'" . DG  B 1 4  ? 6.407   3.923   -7.993  1.00 12.94 ? 16  DG  B "C4'" 1 
ATOM   306 O "O4'" . DG  B 1 4  ? 5.581   2.745   -7.818  1.00 12.30 ? 16  DG  B "O4'" 1 
ATOM   307 C "C3'" . DG  B 1 4  ? 6.087   4.842   -6.812  1.00 14.72 ? 16  DG  B "C3'" 1 
ATOM   308 O "O3'" . DG  B 1 4  ? 5.114   5.801   -7.254  1.00 15.05 ? 16  DG  B "O3'" 1 
ATOM   309 C "C2'" . DG  B 1 4  ? 5.560   3.887   -5.756  1.00 13.74 ? 16  DG  B "C2'" 1 
ATOM   310 C "C1'" . DG  B 1 4  ? 4.882   2.812   -6.587  1.00 12.92 ? 16  DG  B "C1'" 1 
ATOM   311 N N9    . DG  B 1 4  ? 4.900   1.488   -5.972  1.00 12.07 ? 16  DG  B N9    1 
ATOM   312 C C8    . DG  B 1 4  ? 5.954   0.877   -5.330  1.00 12.14 ? 16  DG  B C8    1 
ATOM   313 N N7    . DG  B 1 4  ? 5.634   -0.277  -4.808  1.00 10.63 ? 16  DG  B N7    1 
ATOM   314 C C5    . DG  B 1 4  ? 4.295   -0.443  -5.139  1.00 10.37 ? 16  DG  B C5    1 
ATOM   315 C C6    . DG  B 1 4  ? 3.388   -1.493  -4.824  1.00 10.19 ? 16  DG  B C6    1 
ATOM   316 O O6    . DG  B 1 4  ? 3.588   -2.515  -4.154  1.00 10.57 ? 16  DG  B O6    1 
ATOM   317 N N1    . DG  B 1 4  ? 2.128   -1.257  -5.365  1.00 10.53 ? 16  DG  B N1    1 
ATOM   318 C C2    . DG  B 1 4  ? 1.780   -0.154  -6.104  1.00 11.43 ? 16  DG  B C2    1 
ATOM   319 N N2    . DG  B 1 4  ? 0.511   -0.106  -6.537  1.00 12.26 ? 16  DG  B N2    1 
ATOM   320 N N3    . DG  B 1 4  ? 2.610   0.831   -6.394  1.00 10.68 ? 16  DG  B N3    1 
ATOM   321 C C4    . DG  B 1 4  ? 3.840   0.624   -5.880  1.00 11.04 ? 16  DG  B C4    1 
ATOM   322 P P     . DA  B 1 5  ? 4.198   6.604   -6.201  1.00 15.68 ? 17  DA  B P     1 
ATOM   323 O OP1   . DA  B 1 5  ? 3.929   7.918   -6.839  1.00 17.87 ? 17  DA  B OP1   1 
ATOM   324 O OP2   . DA  B 1 5  ? 4.766   6.559   -4.833  1.00 17.24 ? 17  DA  B OP2   1 
ATOM   325 O "O5'" . DA  B 1 5  ? 2.831   5.788   -6.223  1.00 14.83 ? 17  DA  B "O5'" 1 
ATOM   326 C "C5'" . DA  B 1 5  ? 2.196   5.491   -7.466  1.00 15.03 ? 17  DA  B "C5'" 1 
ATOM   327 C "C4'" . DA  B 1 5  ? 0.791   4.989   -7.233  1.00 14.66 ? 17  DA  B "C4'" 1 
ATOM   328 O "O4'" . DA  B 1 5  ? 0.828   3.717   -6.547  1.00 13.87 ? 17  DA  B "O4'" 1 
ATOM   329 C "C3'" . DA  B 1 5  ? -0.081  5.897   -6.371  1.00 15.99 ? 17  DA  B "C3'" 1 
ATOM   330 O "O3'" . DA  B 1 5  ? -1.431  5.823   -6.830  1.00 18.05 ? 17  DA  B "O3'" 1 
ATOM   331 C "C2'" . DA  B 1 5  ? 0.083   5.314   -4.977  1.00 15.00 ? 17  DA  B "C2'" 1 
ATOM   332 C "C1'" . DA  B 1 5  ? 0.249   3.824   -5.250  1.00 13.22 ? 17  DA  B "C1'" 1 
ATOM   333 N N9    . DA  B 1 5  ? 1.143   3.125   -4.327  1.00 10.80 ? 17  DA  B N9    1 
ATOM   334 C C8    . DA  B 1 5  ? 2.428   3.480   -3.993  1.00 12.82 ? 17  DA  B C8    1 
ATOM   335 N N7    . DA  B 1 5  ? 3.032   2.615   -3.216  1.00 11.68 ? 17  DA  B N7    1 
ATOM   336 C C5    . DA  B 1 5  ? 2.077   1.631   -3.007  1.00 10.38 ? 17  DA  B C5    1 
ATOM   337 C C6    . DA  B 1 5  ? 2.111   0.422   -2.292  1.00 11.83 ? 17  DA  B C6    1 
ATOM   338 N N6    . DA  B 1 5  ? 3.192   -0.038  -1.652  1.00 12.06 ? 17  DA  B N6    1 
ATOM   339 N N1    . DA  B 1 5  ? 0.986   -0.320  -2.267  1.00 10.77 ? 17  DA  B N1    1 
ATOM   340 C C2    . DA  B 1 5  ? -0.092  0.120   -2.934  1.00 12.50 ? 17  DA  B C2    1 
ATOM   341 N N3    . DA  B 1 5  ? -0.239  1.228   -3.660  1.00 11.70 ? 17  DA  B N3    1 
ATOM   342 C C4    . DA  B 1 5  ? 0.895   1.947   -3.660  1.00 11.07 ? 17  DA  B C4    1 
ATOM   343 P P     . DA  B 1 6  ? -2.570  6.675   -6.089  1.00 19.50 ? 18  DA  B P     1 
ATOM   344 O OP1   . DA  B 1 6  ? -3.599  7.023   -7.103  1.00 23.14 ? 18  DA  B OP1   1 
ATOM   345 O OP2   . DA  B 1 6  ? -1.935  7.747   -5.290  1.00 20.42 ? 18  DA  B OP2   1 
ATOM   346 O "O5'" . DA  B 1 6  ? -3.213  5.627   -5.082  1.00 18.11 ? 18  DA  B "O5'" 1 
ATOM   347 C "C5'" . DA  B 1 6  ? -3.770  4.413   -5.562  1.00 16.55 ? 18  DA  B "C5'" 1 
ATOM   348 C "C4'" . DA  B 1 6  ? -4.230  3.573   -4.397  1.00 16.25 ? 18  DA  B "C4'" 1 
ATOM   349 O "O4'" . DA  B 1 6  ? -3.086  3.087   -3.671  1.00 14.39 ? 18  DA  B "O4'" 1 
ATOM   350 C "C3'" . DA  B 1 6  ? -5.088  4.334   -3.389  1.00 16.56 ? 18  DA  B "C3'" 1 
ATOM   351 O "O3'" . DA  B 1 6  ? -6.389  3.757   -3.385  1.00 17.66 ? 18  DA  B "O3'" 1 
ATOM   352 C "C2'" . DA  B 1 6  ? -4.356  4.186   -2.058  1.00 16.02 ? 18  DA  B "C2'" 1 
ATOM   353 C "C1'" . DA  B 1 6  ? -3.399  3.031   -2.298  1.00 15.10 ? 18  DA  B "C1'" 1 
ATOM   354 N N9    . DA  B 1 6  ? -2.128  3.091   -1.579  1.00 12.70 ? 18  DA  B N9    1 
ATOM   355 C C8    . DA  B 1 6  ? -1.177  4.075   -1.657  1.00 12.45 ? 18  DA  B C8    1 
ATOM   356 N N7    . DA  B 1 6  ? -0.086  3.809   -0.984  1.00 12.63 ? 18  DA  B N7    1 
ATOM   357 C C5    . DA  B 1 6  ? -0.343  2.577   -0.400  1.00 11.70 ? 18  DA  B C5    1 
ATOM   358 C C6    . DA  B 1 6  ? 0.433   1.732   0.422   1.00 11.03 ? 18  DA  B C6    1 
ATOM   359 N N6    . DA  B 1 6  ? 1.698   1.992   0.778   1.00 12.24 ? 18  DA  B N6    1 
ATOM   360 N N1    . DA  B 1 6  ? -0.134  0.586   0.850   1.00 10.65 ? 18  DA  B N1    1 
ATOM   361 C C2    . DA  B 1 6  ? -1.382  0.298   0.454   1.00 11.25 ? 18  DA  B C2    1 
ATOM   362 N N3    . DA  B 1 6  ? -2.200  0.995   -0.336  1.00 12.76 ? 18  DA  B N3    1 
ATOM   363 C C4    . DA  B 1 6  ? -1.612  2.137   -0.733  1.00 12.25 ? 18  DA  B C4    1 
ATOM   364 P P     . DT  B 1 7  ? -7.500  4.285   -2.359  1.00 19.47 ? 19  DT  B P     1 
ATOM   365 O OP1   . DT  B 1 7  ? -8.814  3.940   -2.958  1.00 21.56 ? 19  DT  B OP1   1 
ATOM   366 O OP2   . DT  B 1 7  ? -7.205  5.688   -1.990  1.00 19.95 ? 19  DT  B OP2   1 
ATOM   367 O "O5'" . DT  B 1 7  ? -7.273  3.352   -1.092  1.00 17.91 ? 19  DT  B "O5'" 1 
ATOM   368 C "C5'" . DT  B 1 7  ? -7.274  1.937   -1.244  1.00 16.95 ? 19  DT  B "C5'" 1 
ATOM   369 C "C4'" . DT  B 1 7  ? -6.859  1.272   0.046   1.00 16.33 ? 19  DT  B "C4'" 1 
ATOM   370 O "O4'" . DT  B 1 7  ? -5.495  1.610   0.358   1.00 15.42 ? 19  DT  B "O4'" 1 
ATOM   371 C "C3'" . DT  B 1 7  ? -7.689  1.670   1.270   1.00 16.56 ? 19  DT  B "C3'" 1 
ATOM   372 O "O3'" . DT  B 1 7  ? -8.401  0.520   1.725   1.00 18.07 ? 19  DT  B "O3'" 1 
ATOM   373 C "C2'" . DT  B 1 7  ? -6.664  2.162   2.286   1.00 16.28 ? 19  DT  B "C2'" 1 
ATOM   374 C "C1'" . DT  B 1 7  ? -5.356  1.599   1.760   1.00 15.26 ? 19  DT  B "C1'" 1 
ATOM   375 N N1    . DT  B 1 7  ? -4.135  2.358   2.086   1.00 13.91 ? 19  DT  B N1    1 
ATOM   376 C C2    . DT  B 1 7  ? -3.168  1.739   2.848   1.00 12.60 ? 19  DT  B C2    1 
ATOM   377 O O2    . DT  B 1 7  ? -3.302  0.625   3.323   1.00 12.76 ? 19  DT  B O2    1 
ATOM   378 N N3    . DT  B 1 7  ? -2.028  2.475   3.030   1.00 13.22 ? 19  DT  B N3    1 
ATOM   379 C C4    . DT  B 1 7  ? -1.761  3.738   2.549   1.00 12.38 ? 19  DT  B C4    1 
ATOM   380 O O4    . DT  B 1 7  ? -0.669  4.252   2.758   1.00 12.54 ? 19  DT  B O4    1 
ATOM   381 C C5    . DT  B 1 7  ? -2.834  4.348   1.799   1.00 12.44 ? 19  DT  B C5    1 
ATOM   382 C C7    . DT  B 1 7  ? -2.645  5.732   1.266   1.00 13.39 ? 19  DT  B C7    1 
ATOM   383 C C6    . DT  B 1 7  ? -3.954  3.639   1.610   1.00 13.35 ? 19  DT  B C6    1 
ATOM   384 P P     . DU  B 1 8  ? -9.308  0.606   3.042   1.00 19.69 ? 20  DU  B P     1 
ATOM   385 O OP1   . DU  B 1 8  ? -10.368 -0.425  2.895   1.00 21.50 ? 20  DU  B OP1   1 
ATOM   386 O OP2   . DU  B 1 8  ? -9.687  2.017   3.287   1.00 20.78 ? 20  DU  B OP2   1 
ATOM   387 O "O5'" . DU  B 1 8  ? -8.318  0.140   4.199   1.00 17.97 ? 20  DU  B "O5'" 1 
ATOM   388 C "C5'" . DU  B 1 8  ? -7.651  -1.113  4.108   1.00 17.89 ? 20  DU  B "C5'" 1 
ATOM   389 C "C4'" . DU  B 1 8  ? -6.720  -1.296  5.282   1.00 17.80 ? 20  DU  B "C4'" 1 
ATOM   390 O "O4'" . DU  B 1 8  ? -5.636  -0.346  5.215   1.00 15.45 ? 20  DU  B "O4'" 1 
ATOM   391 C "C3'" . DU  B 1 8  ? -7.362  -1.127  6.662   1.00 18.44 ? 20  DU  B "C3'" 1 
ATOM   392 O "O3'" . DU  B 1 8  ? -7.144  -2.329  7.403   1.00 20.68 ? 20  DU  B "O3'" 1 
ATOM   393 C "C2'" . DU  B 1 8  ? -6.644  0.075   7.265   1.00 17.72 ? 20  DU  B "C2'" 1 
ATOM   394 C "C1'" . DU  B 1 8  ? -5.318  0.081   6.523   1.00 15.07 ? 20  DU  B "C1'" 1 
ATOM   395 N N1    . DU  B 1 8  ? -4.637  1.386   6.396   1.00 13.68 ? 20  DU  B N1    1 
ATOM   396 C C2    . DU  B 1 8  ? -3.361  1.518   6.893   1.00 13.08 ? 20  DU  B C2    1 
ATOM   397 O O2    . DU  B 1 8  ? -2.803  0.652   7.541   1.00 14.71 ? 20  DU  B O2    1 
ATOM   398 N N3    . DU  B 1 8  ? -2.763  2.720   6.609   1.00 11.84 ? 20  DU  B N3    1 
ATOM   399 C C4    . DU  B 1 8  ? -3.313  3.787   5.920   1.00 13.67 ? 20  DU  B C4    1 
ATOM   400 O O4    . DU  B 1 8  ? -2.628  4.778   5.685   1.00 13.57 ? 20  DU  B O4    1 
ATOM   401 C C5    . DU  B 1 8  ? -4.696  3.614   5.506   1.00 13.53 ? 20  DU  B C5    1 
ATOM   402 C C6    . DU  B 1 8  ? -5.265  2.426   5.757   1.00 12.67 ? 20  DU  B C6    1 
ATOM   403 P P     . DC  B 1 9  ? -7.922  -2.575  8.784   1.00 21.96 ? 21  DC  B P     1 
ATOM   404 O OP1   . DC  B 1 9  ? -8.059  -4.042  8.958   1.00 25.15 ? 21  DC  B OP1   1 
ATOM   405 O OP2   . DC  B 1 9  ? -9.129  -1.715  8.813   1.00 23.74 ? 21  DC  B OP2   1 
ATOM   406 O "O5'" . DC  B 1 9  ? -6.883  -2.044  9.864   1.00 21.31 ? 21  DC  B "O5'" 1 
ATOM   407 C "C5'" . DC  B 1 9  ? -5.561  -2.567  9.894   1.00 20.29 ? 21  DC  B "C5'" 1 
ATOM   408 C "C4'" . DC  B 1 9  ? -4.666  -1.677  10.721  1.00 20.27 ? 21  DC  B "C4'" 1 
ATOM   409 O "O4'" . DC  B 1 9  ? -4.427  -0.426  10.053  1.00 20.03 ? 21  DC  B "O4'" 1 
ATOM   410 C "C3'" . DC  B 1 9  ? -5.224  -1.307  12.095  1.00 20.15 ? 21  DC  B "C3'" 1 
ATOM   411 O "O3'" . DC  B 1 9  ? -4.603  -2.136  13.079  1.00 20.82 ? 21  DC  B "O3'" 1 
ATOM   412 C "C2'" . DC  B 1 9  ? -4.862  0.166   12.268  1.00 19.17 ? 21  DC  B "C2'" 1 
ATOM   413 C "C1'" . DC  B 1 9  ? -4.018  0.492   11.043  1.00 17.97 ? 21  DC  B "C1'" 1 
ATOM   414 N N1    . DC  B 1 9  ? -4.175  1.841   10.484  1.00 18.35 ? 21  DC  B N1    1 
ATOM   415 C C2    . DC  B 1 9  ? -3.078  2.703   10.497  1.00 15.62 ? 21  DC  B C2    1 
ATOM   416 O O2    . DC  B 1 9  ? -2.033  2.335   11.054  1.00 17.76 ? 21  DC  B O2    1 
ATOM   417 N N3    . DC  B 1 9  ? -3.184  3.914   9.902   1.00 16.43 ? 21  DC  B N3    1 
ATOM   418 C C4    . DC  B 1 9  ? -4.333  4.276   9.327   1.00 17.56 ? 21  DC  B C4    1 
ATOM   419 N N4    . DC  B 1 9  ? -4.382  5.458   8.711   1.00 19.90 ? 21  DC  B N4    1 
ATOM   420 C C5    . DC  B 1 9  ? -5.483  3.434   9.347   1.00 17.55 ? 21  DC  B C5    1 
ATOM   421 C C6    . DC  B 1 9  ? -5.361  2.237   9.931   1.00 15.86 ? 21  DC  B C6    1 
ATOM   422 P P     . DG  B 1 10 ? -5.210  -2.212  14.561  1.00 21.39 ? 22  DG  B P     1 
ATOM   423 O OP1   . DG  B 1 10 ? -4.820  -3.528  15.125  1.00 24.23 ? 22  DG  B OP1   1 
ATOM   424 O OP2   . DG  B 1 10 ? -6.635  -1.805  14.553  1.00 21.43 ? 22  DG  B OP2   1 
ATOM   425 O "O5'" . DG  B 1 10 ? -4.399  -1.088  15.340  1.00 20.37 ? 22  DG  B "O5'" 1 
ATOM   426 C "C5'" . DG  B 1 10 ? -2.981  -1.096  15.348  1.00 20.10 ? 22  DG  B "C5'" 1 
ATOM   427 C "C4'" . DG  B 1 10 ? -2.472  0.229   15.857  1.00 19.92 ? 22  DG  B "C4'" 1 
ATOM   428 O "O4'" . DG  B 1 10 ? -2.696  1.269   14.873  1.00 18.08 ? 22  DG  B "O4'" 1 
ATOM   429 C "C3'" . DG  B 1 10 ? -3.165  0.705   17.136  1.00 19.55 ? 22  DG  B "C3'" 1 
ATOM   430 O "O3'" . DG  B 1 10 ? -2.178  1.262   17.995  1.00 19.86 ? 22  DG  B "O3'" 1 
ATOM   431 C "C2'" . DG  B 1 10 ? -4.074  1.815   16.644  1.00 18.62 ? 22  DG  B "C2'" 1 
ATOM   432 C "C1'" . DG  B 1 10 ? -3.206  2.396   15.554  1.00 16.79 ? 22  DG  B "C1'" 1 
ATOM   433 N N9    . DG  B 1 10 ? -3.872  3.258   14.583  1.00 16.79 ? 22  DG  B N9    1 
ATOM   434 C C8    . DG  B 1 10 ? -5.162  3.166   14.120  1.00 15.29 ? 22  DG  B C8    1 
ATOM   435 N N7    . DG  B 1 10 ? -5.465  4.099   13.258  1.00 16.58 ? 22  DG  B N7    1 
ATOM   436 C C5    . DG  B 1 10 ? -4.303  4.852   13.145  1.00 14.52 ? 22  DG  B C5    1 
ATOM   437 C C6    . DG  B 1 10 ? -4.023  6.004   12.365  1.00 13.61 ? 22  DG  B C6    1 
ATOM   438 O O6    . DG  B 1 10 ? -4.775  6.612   11.597  1.00 16.15 ? 22  DG  B O6    1 
ATOM   439 N N1    . DG  B 1 10 ? -2.715  6.441   12.549  1.00 14.23 ? 22  DG  B N1    1 
ATOM   440 C C2    . DG  B 1 10 ? -1.796  5.855   13.381  1.00 13.28 ? 22  DG  B C2    1 
ATOM   441 N N2    . DG  B 1 10 ? -0.585  6.420   13.425  1.00 16.10 ? 22  DG  B N2    1 
ATOM   442 N N3    . DG  B 1 10 ? -2.047  4.786   14.121  1.00 14.92 ? 22  DG  B N3    1 
ATOM   443 C C4    . DG  B 1 10 ? -3.311  4.342   13.953  1.00 15.77 ? 22  DG  B C4    1 
ATOM   444 P P     . DC  B 1 11 ? -2.338  1.150   19.585  1.00 18.96 ? 23  DC  B P     1 
ATOM   445 O OP1   . DC  B 1 11 ? -2.029  -0.252  19.960  1.00 21.05 ? 23  DC  B OP1   1 
ATOM   446 O OP2   . DC  B 1 11 ? -3.624  1.756   20.000  1.00 18.88 ? 23  DC  B OP2   1 
ATOM   447 O "O5'" . DC  B 1 11 ? -1.150  2.083   20.092  1.00 16.62 ? 23  DC  B "O5'" 1 
ATOM   448 C "C5'" . DC  B 1 11 ? 0.172   1.890   19.595  1.00 16.49 ? 23  DC  B "C5'" 1 
ATOM   449 C "C4'" . DC  B 1 11 ? 0.710   3.175   19.011  1.00 15.30 ? 23  DC  B "C4'" 1 
ATOM   450 O "O4'" . DC  B 1 11 ? -0.023  3.572   17.836  1.00 16.62 ? 23  DC  B "O4'" 1 
ATOM   451 C "C3'" . DC  B 1 11 ? 0.632   4.388   19.924  1.00 16.28 ? 23  DC  B "C3'" 1 
ATOM   452 O "O3'" . DC  B 1 11 ? 1.725   4.374   20.831  1.00 15.94 ? 23  DC  B "O3'" 1 
ATOM   453 C "C2'" . DC  B 1 11 ? 0.759   5.533   18.940  1.00 15.04 ? 23  DC  B "C2'" 1 
ATOM   454 C "C1'" . DC  B 1 11 ? 0.070   4.991   17.691  1.00 15.33 ? 23  DC  B "C1'" 1 
ATOM   455 N N1    . DC  B 1 11 ? -1.285  5.513   17.467  1.00 14.63 ? 23  DC  B N1    1 
ATOM   456 C C2    . DC  B 1 11 ? -1.428  6.700   16.753  1.00 13.55 ? 23  DC  B C2    1 
ATOM   457 O O2    . DC  B 1 11 ? -0.407  7.318   16.420  1.00 15.51 ? 23  DC  B O2    1 
ATOM   458 N N3    . DC  B 1 11 ? -2.667  7.148   16.453  1.00 13.76 ? 23  DC  B N3    1 
ATOM   459 C C4    . DC  B 1 11 ? -3.738  6.465   16.861  1.00 14.87 ? 23  DC  B C4    1 
ATOM   460 N N4    . DC  B 1 11 ? -4.941  6.916   16.502  1.00 16.13 ? 23  DC  B N4    1 
ATOM   461 C C5    . DC  B 1 11 ? -3.621  5.279   17.645  1.00 15.51 ? 23  DC  B C5    1 
ATOM   462 C C6    . DC  B 1 11 ? -2.386  4.842   17.921  1.00 15.24 ? 23  DC  B C6    1 
ATOM   463 P P     . DG  B 1 12 ? 1.640   5.228   22.184  1.00 15.78 ? 24  DG  B P     1 
ATOM   464 O OP1   . DG  B 1 12 ? 2.758   4.758   23.044  1.00 17.19 ? 24  DG  B OP1   1 
ATOM   465 O OP2   . DG  B 1 12 ? 0.248   5.180   22.703  1.00 16.04 ? 24  DG  B OP2   1 
ATOM   466 O "O5'" . DG  B 1 12 ? 1.931   6.727   21.724  1.00 14.86 ? 24  DG  B "O5'" 1 
ATOM   467 C "C5'" . DG  B 1 12 ? 3.198   7.099   21.178  1.00 14.10 ? 24  DG  B "C5'" 1 
ATOM   468 C "C4'" . DG  B 1 12 ? 3.121   8.480   20.572  1.00 14.07 ? 24  DG  B "C4'" 1 
ATOM   469 O "O4'" . DG  B 1 12 ? 2.209   8.475   19.453  1.00 13.90 ? 24  DG  B "O4'" 1 
ATOM   470 C "C3'" . DG  B 1 12 ? 2.589   9.565   21.502  1.00 14.20 ? 24  DG  B "C3'" 1 
ATOM   471 O "O3'" . DG  B 1 12 ? 3.616   10.076  22.353  1.00 14.81 ? 24  DG  B "O3'" 1 
ATOM   472 C "C2'" . DG  B 1 12 ? 2.009   10.576  20.531  1.00 12.13 ? 24  DG  B "C2'" 1 
ATOM   473 C "C1'" . DG  B 1 12 ? 1.470   9.689   19.413  1.00 13.27 ? 24  DG  B "C1'" 1 
ATOM   474 N N9    . DG  B 1 12 ? 0.063   9.334   19.537  1.00 13.22 ? 24  DG  B N9    1 
ATOM   475 C C8    . DG  B 1 12 ? -0.467  8.311   20.284  1.00 13.50 ? 24  DG  B C8    1 
ATOM   476 N N7    . DG  B 1 12 ? -1.760  8.191   20.144  1.00 14.31 ? 24  DG  B N7    1 
ATOM   477 C C5    . DG  B 1 12 ? -2.102  9.203   19.257  1.00 11.64 ? 24  DG  B C5    1 
ATOM   478 C C6    . DG  B 1 12 ? -3.354  9.558   18.710  1.00 13.98 ? 24  DG  B C6    1 
ATOM   479 O O6    . DG  B 1 12 ? -4.452  9.023   18.896  1.00 13.66 ? 24  DG  B O6    1 
ATOM   480 N N1    . DG  B 1 12 ? -3.253  10.655  17.862  1.00 13.01 ? 24  DG  B N1    1 
ATOM   481 C C2    . DG  B 1 12 ? -2.091  11.333  17.582  1.00 12.22 ? 24  DG  B C2    1 
ATOM   482 N N2    . DG  B 1 12 ? -2.203  12.392  16.765  1.00 12.63 ? 24  DG  B N2    1 
ATOM   483 N N3    . DG  B 1 12 ? -0.912  11.001  18.074  1.00 12.41 ? 24  DG  B N3    1 
ATOM   484 C C4    . DG  B 1 12 ? -0.990  9.933   18.895  1.00 12.86 ? 24  DG  B C4    1 
HETATM 485 O O1Y   . CMY C 2 .  ? 2.390   -6.269  1.866   1.00 13.59 ? 108 CMY A O1Y   1 
HETATM 486 C C1Y   . CMY C 2 .  ? 2.612   -5.254  1.202   1.00 13.15 ? 108 CMY A C1Y   1 
HETATM 487 N N1Y   . CMY C 2 .  ? 3.978   -4.705  0.929   1.00 14.39 ? 108 CMY A N1Y   1 
HETATM 488 C C2Y   . CMY C 2 .  ? 5.092   -5.563  1.479   1.00 16.64 ? 108 CMY A C2Y   1 
HETATM 489 C C3Y   . CMY C 2 .  ? 5.039   -6.975  0.832   1.00 18.19 ? 108 CMY A C3Y   1 
HETATM 490 C C4Y   . CMY C 2 .  ? 6.179   -7.887  1.355   1.00 23.03 ? 108 CMY A C4Y   1 
HETATM 491 C C5Y   . CMY C 2 .  ? 7.547   -7.268  1.010   1.00 23.89 ? 108 CMY A C5Y   1 
HETATM 492 C C6Y   . CMY C 2 .  ? 8.663   -8.188  1.522   1.00 24.56 ? 108 CMY A C6Y   1 
HETATM 493 C C7Y   . CMY C 2 .  ? 10.015  -7.563  1.171   1.00 24.48 ? 108 CMY A C7Y   1 
HETATM 494 N N2Y   . CMY C 2 .  ? 11.098  -8.441  1.655   1.00 25.31 ? 108 CMY A N2Y   1 
HETATM 495 K K     . K   D 3 .  ? -3.733  -2.041  3.461   1.00 25.83 ? 1   K   B K     1 
HETATM 496 O O1Y   . CMY E 2 .  ? -6.672  4.572   4.468   1.00 19.16 ? 120 CMY B O1Y   1 
HETATM 497 C C1Y   . CMY E 2 .  ? -5.494  4.728   4.815   1.00 16.35 ? 120 CMY B C1Y   1 
HETATM 498 N N1Y   . CMY E 2 .  ? -4.744  5.991   4.606   1.00 18.39 ? 120 CMY B N1Y   1 
HETATM 499 C C2Y   . CMY E 2 .  ? -5.618  6.970   3.910   1.00 21.34 ? 120 CMY B C2Y   1 
HETATM 500 C C3Y   . CMY E 2 .  ? -4.875  8.294   3.683   1.00 24.45 ? 120 CMY B C3Y   1 
HETATM 501 C C4Y   . CMY E 2 .  ? -4.459  8.890   5.031   0.00 23.72 ? 120 CMY B C4Y   1 
HETATM 502 C C5Y   . CMY E 2 .  ? -3.727  10.211  4.784   0.00 24.09 ? 120 CMY B C5Y   1 
HETATM 503 C C6Y   . CMY E 2 .  ? -3.311  10.812  6.127   0.00 24.07 ? 120 CMY B C6Y   1 
HETATM 504 C C7Y   . CMY E 2 .  ? -2.583  12.132  5.875   0.00 24.14 ? 120 CMY B C7Y   1 
HETATM 505 N N2Y   . CMY E 2 .  ? -2.182  12.712  7.163   0.00 24.16 ? 120 CMY B N2Y   1 
HETATM 506 O O     . HOH F 4 .  ? 4.162   -5.628  5.594   1.00 13.14 ? 109 HOH A O     1 
HETATM 507 O O     . HOH F 4 .  ? -2.727  0.519   -4.964  1.00 13.95 ? 110 HOH A O     1 
HETATM 508 O O     . HOH F 4 .  ? -5.101  0.061   -3.493  1.00 15.85 ? 111 HOH A O     1 
HETATM 509 O O     . HOH F 4 .  ? 6.696   -1.743  6.395   1.00 17.35 ? 112 HOH A O     1 
HETATM 510 O O     . HOH F 4 .  ? -1.377  -0.367  -9.114  1.00 16.12 ? 113 HOH A O     1 
HETATM 511 O O     . HOH F 4 .  ? 6.610   -4.426  6.065   1.00 16.15 ? 114 HOH A O     1 
HETATM 512 O O     . HOH F 4 .  ? -9.154  7.793   17.305  1.00 18.73 ? 115 HOH A O     1 
HETATM 513 O O     . HOH F 4 .  ? 5.598   -0.307  1.267   1.00 17.42 ? 116 HOH A O     1 
HETATM 514 O O     . HOH F 4 .  ? 2.195   -7.055  -2.142  1.00 21.16 ? 117 HOH A O     1 
HETATM 515 O O     . HOH F 4 .  ? 6.002   -2.812  0.101   1.00 17.70 ? 118 HOH A O     1 
HETATM 516 O O     . HOH F 4 .  ? 5.653   2.040   4.479   1.00 19.52 ? 119 HOH A O     1 
HETATM 517 O O     . HOH F 4 .  ? 4.181   3.940   3.131   1.00 20.67 ? 120 HOH A O     1 
HETATM 518 O O     . HOH F 4 .  ? 9.554   -5.506  11.529  1.00 29.49 ? 121 HOH A O     1 
HETATM 519 O O     . HOH F 4 .  ? 1.051   -5.796  12.146  1.00 31.87 ? 122 HOH A O     1 
HETATM 520 O O     . HOH F 4 .  ? 6.739   -4.624  11.171  1.00 27.16 ? 123 HOH A O     1 
HETATM 521 O O     . HOH F 4 .  ? -2.717  -7.535  -11.044 1.00 22.22 ? 124 HOH A O     1 
HETATM 522 O O     . HOH F 4 .  ? -5.247  2.425   -8.695  1.00 25.87 ? 125 HOH A O     1 
HETATM 523 O O     . HOH F 4 .  ? 0.041   -8.036  -0.755  1.00 29.89 ? 126 HOH A O     1 
HETATM 524 O O     . HOH F 4 .  ? -7.702  0.047   -4.471  1.00 24.08 ? 127 HOH A O     1 
HETATM 525 O O     . HOH F 4 .  ? 1.262   -8.127  -4.686  1.00 24.35 ? 128 HOH A O     1 
HETATM 526 O O     . HOH F 4 .  ? 2.908   6.253   4.874   1.00 28.08 ? 129 HOH A O     1 
HETATM 527 O O     . HOH F 4 .  ? 1.607   0.264   11.257  1.00 25.87 ? 130 HOH A O     1 
HETATM 528 O O     . HOH F 4 .  ? -2.989  1.277   -7.677  1.00 25.81 ? 131 HOH A O     1 
HETATM 529 O O     . HOH F 4 .  ? 9.100   -6.338  8.943   1.00 25.74 ? 132 HOH A O     1 
HETATM 530 O O     . HOH F 4 .  ? 2.251   1.831   -20.784 1.00 27.02 ? 133 HOH A O     1 
HETATM 531 O O     . HOH F 4 .  ? 6.513   -5.544  8.685   1.00 24.53 ? 134 HOH A O     1 
HETATM 532 O O     . HOH F 4 .  ? 3.834   -8.019  11.493  1.00 31.32 ? 135 HOH A O     1 
HETATM 533 O O     . HOH F 4 .  ? -1.520  -8.250  -5.572  1.00 22.41 ? 136 HOH A O     1 
HETATM 534 O O     . HOH F 4 .  ? -9.614  -0.520  -8.214  1.00 33.53 ? 137 HOH A O     1 
HETATM 535 O O     . HOH F 4 .  ? -5.934  10.236  8.302   1.00 28.84 ? 138 HOH A O     1 
HETATM 536 O O     . HOH F 4 .  ? -0.200  -8.514  9.482   1.00 26.95 ? 139 HOH A O     1 
HETATM 537 O O     . HOH F 4 .  ? -0.133  10.154  5.887   1.00 30.22 ? 140 HOH A O     1 
HETATM 538 O O     . HOH F 4 .  ? -4.412  8.391   -23.835 1.00 29.87 ? 141 HOH A O     1 
HETATM 539 O O     . HOH F 4 .  ? -2.394  -4.214  -16.056 1.00 39.04 ? 142 HOH A O     1 
HETATM 540 O O     . HOH F 4 .  ? -6.078  -6.583  -7.417  1.00 35.46 ? 143 HOH A O     1 
HETATM 541 O O     . HOH F 4 .  ? -8.304  -2.455  -14.729 1.00 32.31 ? 144 HOH A O     1 
HETATM 542 O O     . HOH F 4 .  ? -3.240  -9.734  -9.177  1.00 40.35 ? 145 HOH A O     1 
HETATM 543 O O     . HOH F 4 .  ? -0.338  -1.939  10.264  1.00 35.36 ? 146 HOH A O     1 
HETATM 544 O O     . HOH F 4 .  ? -12.491 -4.259  -5.352  1.00 40.56 ? 147 HOH A O     1 
HETATM 545 O O     . HOH F 4 .  ? -8.888  -4.786  -10.709 1.00 43.51 ? 148 HOH A O     1 
HETATM 546 O O     . HOH F 4 .  ? -7.423  1.248   -9.743  1.00 31.61 ? 149 HOH A O     1 
HETATM 547 O O     . HOH F 4 .  ? 2.499   5.133   -17.551 1.00 35.64 ? 150 HOH A O     1 
HETATM 548 O O     . HOH F 4 .  ? -6.649  -6.308  -11.487 1.00 38.64 ? 151 HOH A O     1 
HETATM 549 O O     . HOH F 4 .  ? 7.714   3.225   5.849   1.00 29.57 ? 152 HOH A O     1 
HETATM 550 O O     . HOH F 4 .  ? -5.515  -10.799 -2.548  1.00 41.41 ? 153 HOH A O     1 
HETATM 551 O O     . HOH F 4 .  ? -4.926  -7.695  -9.527  1.00 35.32 ? 154 HOH A O     1 
HETATM 552 O O     . HOH F 4 .  ? -6.280  -12.051 -0.290  1.00 40.12 ? 155 HOH A O     1 
HETATM 553 O O     . HOH F 4 .  ? -1.991  -10.925 -7.259  1.00 34.59 ? 156 HOH A O     1 
HETATM 554 O O     . HOH F 4 .  ? -3.966  -12.361 -5.912  1.00 42.97 ? 157 HOH A O     1 
HETATM 555 O O     . HOH F 4 .  ? 4.327   8.499   4.521   1.00 33.76 ? 158 HOH A O     1 
HETATM 556 O O     . HOH F 4 .  ? -8.420  -7.785  -3.492  1.00 41.84 ? 159 HOH A O     1 
HETATM 557 O O     . HOH F 4 .  ? -12.433 -5.024  -7.946  1.00 39.46 ? 160 HOH A O     1 
HETATM 558 O O     . HOH F 4 .  ? 9.565   -4.590  14.403  1.00 35.83 ? 161 HOH A O     1 
HETATM 559 O O     . HOH F 4 .  ? -8.613  -1.672  -1.861  1.00 37.71 ? 162 HOH A O     1 
HETATM 560 O O     . HOH F 4 .  ? -3.995  -8.075  -4.485  1.00 40.19 ? 163 HOH A O     1 
HETATM 561 O O     . HOH F 4 .  ? -1.056  -4.099  11.797  1.00 39.21 ? 164 HOH A O     1 
HETATM 562 O O     . HOH F 4 .  ? -13.244 5.607   -6.618  1.00 41.04 ? 165 HOH A O     1 
HETATM 563 O O     . HOH F 4 .  ? -5.148  -4.993  -13.496 1.00 49.22 ? 166 HOH A O     1 
HETATM 564 O O     . HOH F 4 .  ? -8.463  4.068   -18.396 1.00 35.91 ? 167 HOH A O     1 
HETATM 565 O O     . HOH F 4 .  ? -8.660  0.148   -15.132 1.00 44.95 ? 168 HOH A O     1 
HETATM 566 O O     . HOH F 4 .  ? -5.783  7.777   -21.599 1.00 33.30 ? 169 HOH A O     1 
HETATM 567 O O     . HOH F 4 .  ? -11.214 -7.721  -8.541  1.00 45.18 ? 170 HOH A O     1 
HETATM 568 O O     . HOH F 4 .  ? -3.395  -2.005  -17.012 1.00 45.02 ? 171 HOH A O     1 
HETATM 569 O O     . HOH F 4 .  ? -8.234  -5.945  0.440   1.00 35.80 ? 172 HOH A O     1 
HETATM 570 O O     . HOH F 4 .  ? 0.097   4.240   -19.359 1.00 29.61 ? 173 HOH A O     1 
HETATM 571 O O     . HOH F 4 .  ? -9.310  -8.399  -6.840  1.00 38.36 ? 174 HOH A O     1 
HETATM 572 O O     . HOH F 4 .  ? -9.054  -7.435  -11.608 1.00 71.34 ? 175 HOH A O     1 
HETATM 573 O O     . HOH F 4 .  ? -11.819 -0.998  -9.728  1.00 53.66 ? 176 HOH A O     1 
HETATM 574 O O     . HOH F 4 .  ? -9.366  -5.333  -2.839  1.00 48.02 ? 177 HOH A O     1 
HETATM 575 O O     . HOH F 4 .  ? 4.763   -5.227  13.073  1.00 43.81 ? 178 HOH A O     1 
HETATM 576 O O     . HOH F 4 .  ? 0.462   -9.992  -23.233 1.00 54.18 ? 179 HOH A O     1 
HETATM 577 O O     . HOH F 4 .  ? 10.443  5.254   5.690   1.00 58.09 ? 180 HOH A O     1 
HETATM 578 O O     . HOH F 4 .  ? -6.784  -8.618  -12.733 1.00 49.50 ? 181 HOH A O     1 
HETATM 579 O O     . HOH F 4 .  ? -11.667 -8.750  -5.127  1.00 41.06 ? 182 HOH A O     1 
HETATM 580 O O     . HOH F 4 .  ? -11.310 -8.753  -12.162 1.00 66.90 ? 183 HOH A O     1 
HETATM 581 O O     . HOH F 4 .  ? -6.395  -11.268 -5.567  1.00 56.07 ? 184 HOH A O     1 
HETATM 582 O O     . HOH F 4 .  ? -5.531  -10.063 3.500   1.00 46.79 ? 185 HOH A O     1 
HETATM 583 O O     . HOH F 4 .  ? -10.779 -11.334 -4.965  1.00 41.13 ? 186 HOH A O     1 
HETATM 584 O O     . HOH F 4 .  ? -5.935  6.108   -19.602 1.00 49.71 ? 187 HOH A O     1 
HETATM 585 O O     . HOH F 4 .  ? -6.591  -10.487 -9.400  1.00 43.99 ? 188 HOH A O     1 
HETATM 586 O O     . HOH F 4 .  ? -9.636  -5.433  -8.299  1.00 46.48 ? 189 HOH A O     1 
HETATM 587 O O     . HOH F 4 .  ? -10.046 2.534   -9.402  1.00 52.68 ? 190 HOH A O     1 
HETATM 588 O O     . HOH F 4 .  ? -0.320  10.598  -14.663 1.00 47.00 ? 191 HOH A O     1 
HETATM 589 O O     . HOH F 4 .  ? 4.727   15.700  5.853   1.00 57.68 ? 192 HOH A O     1 
HETATM 590 O O     . HOH F 4 .  ? -14.304 5.777   -9.539  1.00 46.51 ? 193 HOH A O     1 
HETATM 591 O O     . HOH F 4 .  ? 2.999   17.689  7.530   1.00 49.02 ? 194 HOH A O     1 
HETATM 592 O O     . HOH F 4 .  ? 2.836   -3.285  13.437  1.00 49.29 ? 195 HOH A O     1 
HETATM 593 O O     . HOH F 4 .  ? -7.228  10.639  10.936  1.00 30.99 ? 196 HOH A O     1 
HETATM 594 O O     . HOH F 4 .  ? -1.596  8.076   5.935   1.00 52.19 ? 197 HOH A O     1 
HETATM 595 O O     . HOH F 4 .  ? -6.223  13.748  9.458   1.00 32.03 ? 198 HOH A O     1 
HETATM 596 O O     . HOH F 4 .  ? -1.480  7.570   -21.829 1.00 34.75 ? 199 HOH A O     1 
HETATM 597 O O     . HOH F 4 .  ? 1.161   -8.283  14.225  1.00 30.74 ? 200 HOH A O     1 
HETATM 598 O O     . HOH F 4 .  ? -1.921  -8.494  -2.463  1.00 41.32 ? 201 HOH A O     1 
HETATM 599 O O     . HOH F 4 .  ? -2.479  6.325   -19.639 1.00 52.90 ? 202 HOH A O     1 
HETATM 600 O O     . HOH F 4 .  ? 3.686   3.961   -20.627 1.00 34.38 ? 203 HOH A O     1 
HETATM 601 O O     . HOH F 4 .  ? -3.122  6.151   -17.029 1.00 48.92 ? 204 HOH A O     1 
HETATM 602 O O     . HOH F 4 .  ? 0.824   6.381   -15.112 1.00 53.64 ? 205 HOH A O     1 
HETATM 603 O O     . HOH F 4 .  ? 2.071   9.451   -15.330 1.00 47.77 ? 206 HOH A O     1 
HETATM 604 O O     . HOH F 4 .  ? -5.570  -1.099  -15.787 1.00 38.92 ? 207 HOH A O     1 
HETATM 605 O O     . HOH F 4 .  ? -9.441  -5.032  -14.621 1.00 51.02 ? 208 HOH A O     1 
HETATM 606 O O     . HOH F 4 .  ? -13.365 -3.694  -10.056 1.00 34.08 ? 209 HOH A O     1 
HETATM 607 O O     . HOH F 4 .  ? 7.612   -5.923  13.326  1.00 56.55 ? 210 HOH A O     1 
HETATM 608 O O     . HOH F 4 .  ? 1.014   7.970   -12.866 1.00 43.05 ? 211 HOH A O     1 
HETATM 609 O O     . HOH F 4 .  ? -3.715  19.316  9.376   1.00 48.06 ? 212 HOH A O     1 
HETATM 610 O O     . HOH F 4 .  ? -8.314  3.216   -11.818 1.00 43.47 ? 213 HOH A O     1 
HETATM 611 O O     . HOH F 4 .  ? -10.877 -5.546  -12.248 1.00 46.10 ? 214 HOH A O     1 
HETATM 612 O O     . HOH F 4 .  ? -9.170  -2.074  -10.630 1.00 43.06 ? 215 HOH A O     1 
HETATM 613 O O     . HOH F 4 .  ? -6.332  2.357   -19.004 1.00 47.99 ? 216 HOH A O     1 
HETATM 614 O O     . HOH F 4 .  ? -4.788  1.570   -16.630 1.00 40.60 ? 217 HOH A O     1 
HETATM 615 O O     . HOH F 4 .  ? -13.556 2.747   -17.923 1.00 46.70 ? 218 HOH A O     1 
HETATM 616 O O     . HOH F 4 .  ? -16.305 6.490   -17.631 1.00 53.31 ? 219 HOH A O     1 
HETATM 617 O O     . HOH F 4 .  ? -12.528 3.869   -9.013  1.00 45.34 ? 220 HOH A O     1 
HETATM 618 O O     . HOH F 4 .  ? -4.703  4.471   -21.891 1.00 41.07 ? 221 HOH A O     1 
HETATM 619 O O     . HOH F 4 .  ? 2.965   -10.004 15.613  1.00 46.21 ? 222 HOH A O     1 
HETATM 620 O O     . HOH G 4 .  ? 16.217  -3.636  -11.707 1.00 15.83 ? 121 HOH B O     1 
HETATM 621 O O     . HOH G 4 .  ? -4.071  -0.938  -1.192  1.00 15.64 ? 122 HOH B O     1 
HETATM 622 O O     . HOH G 4 .  ? 5.647   -3.435  -2.513  1.00 15.27 ? 123 HOH B O     1 
HETATM 623 O O     . HOH G 4 .  ? -1.686  -1.809  7.783   1.00 17.62 ? 124 HOH B O     1 
HETATM 624 O O     . HOH G 4 .  ? 7.604   -1.771  -3.591  1.00 16.13 ? 125 HOH B O     1 
HETATM 625 O O     . HOH G 4 .  ? 5.281   3.388   -1.789  1.00 17.85 ? 126 HOH B O     1 
HETATM 626 O O     . HOH G 4 .  ? -5.337  -2.192  0.924   1.00 19.15 ? 127 HOH B O     1 
HETATM 627 O O     . HOH G 4 .  ? 1.739   9.302   -6.974  1.00 27.49 ? 128 HOH B O     1 
HETATM 628 O O     . HOH G 4 .  ? 13.652  -3.741  -10.864 1.00 19.41 ? 129 HOH B O     1 
HETATM 629 O O     . HOH G 4 .  ? 5.982   0.905   -1.119  1.00 19.94 ? 130 HOH B O     1 
HETATM 630 O O     . HOH G 4 .  ? 5.768   -6.151  -3.152  1.00 18.86 ? 131 HOH B O     1 
HETATM 631 O O     . HOH G 4 .  ? 3.744   4.137   0.389   1.00 22.16 ? 132 HOH B O     1 
HETATM 632 O O     . HOH G 4 .  ? 13.435  -1.061  -6.662  1.00 22.95 ? 133 HOH B O     1 
HETATM 633 O O     . HOH G 4 .  ? 8.844   -15.663 -4.774  1.00 20.76 ? 134 HOH B O     1 
HETATM 634 O O     . HOH G 4 .  ? -3.578  -3.247  6.092   1.00 22.24 ? 135 HOH B O     1 
HETATM 635 O O     . HOH G 4 .  ? -4.263  4.076   21.162  1.00 24.15 ? 136 HOH B O     1 
HETATM 636 O O     . HOH G 4 .  ? 7.081   -12.661 -2.269  1.00 20.71 ? 137 HOH B O     1 
HETATM 637 O O     . HOH G 4 .  ? -8.319  5.607   2.495   1.00 25.76 ? 138 HOH B O     1 
HETATM 638 O O     . HOH G 4 .  ? 1.752   5.770   -0.776  1.00 21.18 ? 139 HOH B O     1 
HETATM 639 O O     . HOH G 4 .  ? -0.893  2.742   -9.239  1.00 26.02 ? 140 HOH B O     1 
HETATM 640 O O     . HOH G 4 .  ? 17.505  -5.374  -9.097  1.00 28.31 ? 141 HOH B O     1 
HETATM 641 O O     . HOH G 4 .  ? 0.525   6.746   3.364   1.00 31.72 ? 142 HOH B O     1 
HETATM 642 O O     . HOH G 4 .  ? 9.833   -3.040  -4.671  1.00 18.38 ? 143 HOH B O     1 
HETATM 643 O O     . HOH G 4 .  ? -2.074  7.213   -2.410  1.00 20.83 ? 144 HOH B O     1 
HETATM 644 O O     . HOH G 4 .  ? 5.678   8.398   -9.038  1.00 28.42 ? 145 HOH B O     1 
HETATM 645 O O     . HOH G 4 .  ? -0.489  1.037   12.887  1.00 23.99 ? 146 HOH B O     1 
HETATM 646 O O     . HOH G 4 .  ? 2.711   7.165   -2.924  1.00 28.22 ? 147 HOH B O     1 
HETATM 647 O O     . HOH G 4 .  ? 12.499  -11.448 -12.744 1.00 37.16 ? 148 HOH B O     1 
HETATM 648 O O     . HOH G 4 .  ? 15.247  3.581   -6.709  1.00 23.64 ? 149 HOH B O     1 
HETATM 649 O O     . HOH G 4 .  ? 0.647   -9.768  -16.812 1.00 34.34 ? 150 HOH B O     1 
HETATM 650 O O     . HOH G 4 .  ? 0.341   7.692   -9.599  1.00 34.16 ? 151 HOH B O     1 
HETATM 651 O O     . HOH G 4 .  ? 5.596   -17.867 -5.308  1.00 27.91 ? 152 HOH B O     1 
HETATM 652 O O     . HOH G 4 .  ? -1.218  4.874   -11.208 1.00 33.11 ? 153 HOH B O     1 
HETATM 653 O O     . HOH G 4 .  ? 0.693   8.312   -1.732  1.00 62.32 ? 154 HOH B O     1 
HETATM 654 O O     . HOH G 4 .  ? -8.889  3.217   5.682   1.00 29.09 ? 155 HOH B O     1 
HETATM 655 O O     . HOH G 4 .  ? 13.131  1.950   -6.321  1.00 35.36 ? 156 HOH B O     1 
HETATM 656 O O     . HOH G 4 .  ? 1.909   -19.247 -15.318 1.00 29.21 ? 157 HOH B O     1 
HETATM 657 O O     . HOH G 4 .  ? 16.169  -0.698  -5.967  1.00 24.85 ? 158 HOH B O     1 
HETATM 658 O O     . HOH G 4 .  ? 10.390  -13.493 -4.436  1.00 29.69 ? 159 HOH B O     1 
HETATM 659 O O     . HOH G 4 .  ? -1.651  -10.235 -13.882 1.00 28.47 ? 160 HOH B O     1 
HETATM 660 O O     . HOH G 4 .  ? 1.186   7.843   0.851   1.00 37.94 ? 161 HOH B O     1 
HETATM 661 O O     . HOH G 4 .  ? -1.765  9.230   2.313   1.00 67.38 ? 162 HOH B O     1 
HETATM 662 O O     . HOH G 4 .  ? 9.497   -6.794  -5.766  1.00 26.79 ? 163 HOH B O     1 
HETATM 663 O O     . HOH G 4 .  ? 3.914   -19.238 -13.479 1.00 28.32 ? 164 HOH B O     1 
HETATM 664 O O     . HOH G 4 .  ? 2.533   -17.571 -18.386 1.00 48.18 ? 165 HOH B O     1 
HETATM 665 O O     . HOH G 4 .  ? -0.016  -10.835 -11.915 1.00 28.67 ? 166 HOH B O     1 
HETATM 666 O O     . HOH G 4 .  ? 2.670   -10.129 -15.217 1.00 42.66 ? 167 HOH B O     1 
HETATM 667 O O     . HOH G 4 .  ? -7.236  -5.028  4.416   1.00 37.42 ? 168 HOH B O     1 
HETATM 668 O O     . HOH G 4 .  ? -1.290  -7.544  -16.533 1.00 50.46 ? 169 HOH B O     1 
HETATM 669 O O     . HOH G 4 .  ? 8.347   7.511   -8.175  1.00 31.94 ? 170 HOH B O     1 
HETATM 670 O O     . HOH G 4 .  ? 1.654   -12.287 -13.507 1.00 34.44 ? 171 HOH B O     1 
HETATM 671 O O     . HOH G 4 .  ? 1.844   -15.576 -11.324 1.00 42.66 ? 172 HOH B O     1 
HETATM 672 O O     . HOH G 4 .  ? -5.232  -5.105  7.123   1.00 30.33 ? 173 HOH B O     1 
HETATM 673 O O     . HOH G 4 .  ? 2.009   -8.764  -8.169  1.00 32.61 ? 174 HOH B O     1 
HETATM 674 O O     . HOH G 4 .  ? -11.532 -1.788  4.944   1.00 33.28 ? 175 HOH B O     1 
HETATM 675 O O     . HOH G 4 .  ? 12.810  -13.805 -5.499  1.00 27.39 ? 176 HOH B O     1 
HETATM 676 O O     . HOH G 4 .  ? 4.053   -12.071 -8.665  1.00 38.27 ? 177 HOH B O     1 
HETATM 677 O O     . HOH G 4 .  ? 1.253   -15.500 -14.343 1.00 43.80 ? 178 HOH B O     1 
HETATM 678 O O     . HOH G 4 .  ? 4.419   -18.110 -7.868  1.00 29.84 ? 179 HOH B O     1 
HETATM 679 O O     . HOH G 4 .  ? -3.462  -5.546  9.820   1.00 37.08 ? 180 HOH B O     1 
HETATM 680 O O     . HOH G 4 .  ? -11.720 0.078   -1.171  1.00 44.09 ? 181 HOH B O     1 
HETATM 681 O O     . HOH G 4 .  ? 6.597   -12.593 -7.929  1.00 41.43 ? 182 HOH B O     1 
HETATM 682 O O     . HOH G 4 .  ? 13.175  -11.303 -4.797  1.00 49.53 ? 183 HOH B O     1 
HETATM 683 O O     . HOH G 4 .  ? 0.355   -16.914 -7.195  1.00 33.46 ? 184 HOH B O     1 
HETATM 684 O O     . HOH G 4 .  ? 0.339   9.139   -4.404  1.00 36.73 ? 185 HOH B O     1 
HETATM 685 O O     . HOH G 4 .  ? -0.070  -13.364 -10.238 1.00 40.82 ? 186 HOH B O     1 
HETATM 686 O O     . HOH G 4 .  ? -10.180 -2.511  1.330   1.00 47.68 ? 187 HOH B O     1 
HETATM 687 O O     . HOH G 4 .  ? -0.612  -9.042  -8.701  1.00 51.90 ? 188 HOH B O     1 
HETATM 688 O O     . HOH G 4 .  ? -8.707  2.224   -5.539  1.00 35.85 ? 189 HOH B O     1 
HETATM 689 O O     . HOH G 4 .  ? -1.295  9.023   -0.288  1.00 42.03 ? 190 HOH B O     1 
HETATM 690 O O     . HOH G 4 .  ? -7.312  3.851   -6.992  1.00 41.81 ? 191 HOH B O     1 
HETATM 691 O O     . HOH G 4 .  ? 14.288  -7.736  -6.418  1.00 41.63 ? 192 HOH B O     1 
HETATM 692 O O     . HOH G 4 .  ? 6.662   -18.679 -9.999  1.00 38.24 ? 193 HOH B O     1 
HETATM 693 O O     . HOH G 4 .  ? 13.273  -5.399  -4.534  1.00 32.71 ? 194 HOH B O     1 
HETATM 694 O O     . HOH G 4 .  ? -5.543  -11.588 -12.645 1.00 56.72 ? 195 HOH B O     1 
HETATM 695 O O     . HOH G 4 .  ? 13.987  -16.185 -13.432 1.00 35.04 ? 196 HOH B O     1 
HETATM 696 O O     . HOH G 4 .  ? 6.848   -15.403 -6.407  1.00 36.88 ? 197 HOH B O     1 
HETATM 697 O O     . HOH G 4 .  ? 6.595   -16.246 -16.054 1.00 54.74 ? 198 HOH B O     1 
HETATM 698 O O     . HOH G 4 .  ? 4.389   -16.850 -3.104  1.00 31.72 ? 199 HOH B O     1 
HETATM 699 O O     . HOH G 4 .  ? 12.048  -8.861  -4.348  1.00 55.68 ? 200 HOH B O     1 
HETATM 700 O O     . HOH G 4 .  ? -10.398 4.197   1.926   1.00 39.75 ? 201 HOH B O     1 
HETATM 701 O O     . HOH G 4 .  ? -10.013 -4.278  4.400   1.00 42.54 ? 202 HOH B O     1 
HETATM 702 O O     . HOH G 4 .  ? -7.698  -3.357  1.064   1.00 36.29 ? 203 HOH B O     1 
HETATM 703 O O     . HOH G 4 .  ? 8.853   -17.902 -8.958  1.00 33.87 ? 204 HOH B O     1 
HETATM 704 O O     . HOH G 4 .  ? 12.402  -10.619 -7.231  1.00 43.93 ? 205 HOH B O     1 
HETATM 705 O O     . HOH G 4 .  ? -9.642  5.824   6.128   1.00 51.27 ? 206 HOH B O     1 
HETATM 706 O O     . HOH G 4 .  ? 12.886  -14.579 -11.455 1.00 40.99 ? 207 HOH B O     1 
HETATM 707 O O     . HOH G 4 .  ? 3.249   -16.881 -15.601 1.00 36.45 ? 208 HOH B O     1 
HETATM 708 O O     . HOH G 4 .  ? 6.473   -11.996 -15.870 1.00 50.80 ? 209 HOH B O     1 
HETATM 709 O O     . HOH G 4 .  ? 4.424   -14.096 -15.489 1.00 47.11 ? 210 HOH B O     1 
HETATM 710 O O     . HOH G 4 .  ? 3.410   -12.220 -3.941  1.00 58.24 ? 211 HOH B O     1 
HETATM 711 O O     . HOH G 4 .  ? -0.104  -17.084 -3.246  1.00 45.67 ? 212 HOH B O     1 
HETATM 712 O O     . HOH G 4 .  ? 18.194  -12.515 -18.335 1.00 41.56 ? 213 HOH B O     1 
HETATM 713 O O     . HOH G 4 .  ? -3.250  -10.219 -23.439 1.00 50.85 ? 214 HOH B O     1 
HETATM 714 O O     . HOH G 4 .  ? -11.288 0.902   -3.921  1.00 53.98 ? 215 HOH B O     1 
HETATM 715 O O     . HOH G 4 .  ? 4.688   -17.821 -11.511 1.00 45.47 ? 216 HOH B O     1 
HETATM 716 O O     . HOH G 4 .  ? 1.935   -15.351 -3.594  1.00 51.70 ? 217 HOH B O     1 
HETATM 717 O O     . HOH G 4 .  ? 2.834   -15.924 -7.263  1.00 50.10 ? 218 HOH B O     1 
HETATM 718 O O     . HOH G 4 .  ? 3.979   -13.991 -10.690 1.00 53.53 ? 219 HOH B O     1 
HETATM 719 O O     . HOH G 4 .  ? -1.485  -15.122 -4.426  1.00 57.03 ? 220 HOH B O     1 
HETATM 720 O O     . HOH G 4 .  ? 5.930   -12.709 -4.710  1.00 46.27 ? 221 HOH B O     1 
HETATM 721 O O     . HOH G 4 .  ? 3.512   9.206   1.454   1.00 53.27 ? 222 HOH B O     1 
HETATM 722 O O     . HOH G 4 .  ? 15.289  -4.683  -7.762  1.00 57.54 ? 223 HOH B O     1 
HETATM 723 O O     . HOH G 4 .  ? 15.775  -4.362  -4.397  1.00 61.40 ? 224 HOH B O     1 
HETATM 724 O O     . HOH G 4 .  ? -4.224  -9.532  -14.255 1.00 42.75 ? 225 HOH B O     1 
HETATM 725 O O     . HOH G 4 .  ? 2.680   9.960   -2.495  1.00 43.41 ? 226 HOH B O     1 
HETATM 726 O O     . HOH G 4 .  ? -10.692 3.156   -1.165  1.00 46.04 ? 227 HOH B O     1 
HETATM 727 O O     . HOH G 4 .  ? 14.021  -14.445 -15.970 1.00 38.08 ? 228 HOH B O     1 
HETATM 728 O O     . HOH G 4 .  ? -3.727  -16.727 -5.658  1.00 20.89 ? 229 HOH B O     1 
HETATM 729 O O     . HOH G 4 .  ? 0.020   2.868   14.813  1.00 28.43 ? 230 HOH B O     1 
HETATM 730 O O     . HOH G 4 .  ? 0.912   -17.765 -10.157 1.00 28.29 ? 231 HOH B O     1 
HETATM 731 O O     . HOH G 4 .  ? 15.527  -12.316 -5.471  1.00 29.24 ? 232 HOH B O     1 
HETATM 732 O O     . HOH G 4 .  ? -6.244  5.938   0.596   1.00 20.73 ? 233 HOH B O     1 
HETATM 733 O O     . HOH G 4 .  ? -5.149  8.474   0.578   1.00 30.31 ? 234 HOH B O     1 
HETATM 734 O O     . HOH G 4 .  ? 14.737  -6.993  -9.415  1.00 39.23 ? 235 HOH B O     1 
HETATM 735 O O     . HOH G 4 .  ? 0.421   -0.872  14.786  1.00 36.20 ? 236 HOH B O     1 
HETATM 736 O O     . HOH G 4 .  ? 16.418  -13.166 -16.201 1.00 47.59 ? 237 HOH B O     1 
HETATM 737 O O     . HOH G 4 .  ? -3.211  -10.089 -11.814 1.00 46.12 ? 238 HOH B O     1 
HETATM 738 O O     . HOH G 4 .  ? -5.622  -7.990  -16.118 1.00 47.45 ? 239 HOH B O     1 
HETATM 739 O O     . HOH G 4 .  ? 17.638  4.364   -7.037  1.00 51.32 ? 240 HOH B O     1 
HETATM 740 O O     . HOH G 4 .  ? -13.821 -3.276  3.715   1.00 48.01 ? 241 HOH B O     1 
HETATM 741 O O     . HOH G 4 .  ? 6.801   -17.845 -13.293 1.00 48.74 ? 242 HOH B O     1 
# 
loop_
_pdbx_poly_seq_scheme.asym_id 
_pdbx_poly_seq_scheme.entity_id 
_pdbx_poly_seq_scheme.seq_id 
_pdbx_poly_seq_scheme.mon_id 
_pdbx_poly_seq_scheme.ndb_seq_num 
_pdbx_poly_seq_scheme.pdb_seq_num 
_pdbx_poly_seq_scheme.auth_seq_num 
_pdbx_poly_seq_scheme.pdb_mon_id 
_pdbx_poly_seq_scheme.auth_mon_id 
_pdbx_poly_seq_scheme.pdb_strand_id 
_pdbx_poly_seq_scheme.pdb_ins_code 
_pdbx_poly_seq_scheme.hetero 
A 1 1  DC 1  1  1  DC CYT A . n 
A 1 2  DG 2  2  2  DG GUA A . n 
A 1 3  DC 3  3  3  DC CYT A . n 
A 1 4  DG 4  4  4  DG GUA A . n 
A 1 5  DA 5  5  5  DA ADE A . n 
A 1 6  DA 6  6  6  DA ADE A . n 
A 1 7  DT 7  7  7  DT THY A . n 
A 1 8  DU 8  8  8  DU THY A . n 
A 1 9  DC 9  9  9  DC CYT A . n 
A 1 10 DG 10 10 10 DG GUA A . n 
A 1 11 DC 11 11 11 DC CYT A . n 
A 1 12 DG 12 12 12 DG GUA A . n 
B 1 1  DC 1  13 13 DC CYT B . n 
B 1 2  DG 2  14 14 DG GUA B . n 
B 1 3  DC 3  15 15 DC CYT B . n 
B 1 4  DG 4  16 16 DG GUA B . n 
B 1 5  DA 5  17 17 DA ADE B . n 
B 1 6  DA 6  18 18 DA ADE B . n 
B 1 7  DT 7  19 19 DT THY B . n 
B 1 8  DU 8  20 20 DU THY B . n 
B 1 9  DC 9  21 21 DC CYT B . n 
B 1 10 DG 10 22 22 DG GUA B . n 
B 1 11 DC 11 23 23 DC CYT B . n 
B 1 12 DG 12 24 24 DG GUA B . n 
# 
loop_
_pdbx_nonpoly_scheme.asym_id 
_pdbx_nonpoly_scheme.entity_id 
_pdbx_nonpoly_scheme.mon_id 
_pdbx_nonpoly_scheme.ndb_seq_num 
_pdbx_nonpoly_scheme.pdb_seq_num 
_pdbx_nonpoly_scheme.auth_seq_num 
_pdbx_nonpoly_scheme.pdb_mon_id 
_pdbx_nonpoly_scheme.auth_mon_id 
_pdbx_nonpoly_scheme.pdb_strand_id 
_pdbx_nonpoly_scheme.pdb_ins_code 
C 2 CMY 1   108 8   CMY THY A . 
D 3 K   1   1   1   K   K1  B . 
E 2 CMY 1   120 20  CMY THY B . 
F 4 HOH 1   109 2   HOH HOH A . 
F 4 HOH 2   110 3   HOH HOH A . 
F 4 HOH 3   111 4   HOH HOH A . 
F 4 HOH 4   112 8   HOH HOH A . 
F 4 HOH 5   113 9   HOH HOH A . 
F 4 HOH 6   114 10  HOH HOH A . 
F 4 HOH 7   115 13  HOH HOH A . 
F 4 HOH 8   116 14  HOH HOH A . 
F 4 HOH 9   117 15  HOH HOH A . 
F 4 HOH 10  118 16  HOH HOH A . 
F 4 HOH 11  119 19  HOH HOH A . 
F 4 HOH 12  120 27  HOH HOH A . 
F 4 HOH 13  121 29  HOH HOH A . 
F 4 HOH 14  122 30  HOH HOH A . 
F 4 HOH 15  123 32  HOH HOH A . 
F 4 HOH 16  124 33  HOH HOH A . 
F 4 HOH 17  125 38  HOH HOH A . 
F 4 HOH 18  126 41  HOH HOH A . 
F 4 HOH 19  127 45  HOH HOH A . 
F 4 HOH 20  128 48  HOH HOH A . 
F 4 HOH 21  129 50  HOH HOH A . 
F 4 HOH 22  130 52  HOH HOH A . 
F 4 HOH 23  131 53  HOH HOH A . 
F 4 HOH 24  132 54  HOH HOH A . 
F 4 HOH 25  133 56  HOH HOH A . 
F 4 HOH 26  134 57  HOH HOH A . 
F 4 HOH 27  135 60  HOH HOH A . 
F 4 HOH 28  136 61  HOH HOH A . 
F 4 HOH 29  137 62  HOH HOH A . 
F 4 HOH 30  138 67  HOH HOH A . 
F 4 HOH 31  139 73  HOH HOH A . 
F 4 HOH 32  140 75  HOH HOH A . 
F 4 HOH 33  141 78  HOH HOH A . 
F 4 HOH 34  142 80  HOH HOH A . 
F 4 HOH 35  143 81  HOH HOH A . 
F 4 HOH 36  144 83  HOH HOH A . 
F 4 HOH 37  145 89  HOH HOH A . 
F 4 HOH 38  146 92  HOH HOH A . 
F 4 HOH 39  147 93  HOH HOH A . 
F 4 HOH 40  148 98  HOH HOH A . 
F 4 HOH 41  149 99  HOH HOH A . 
F 4 HOH 42  150 102 HOH HOH A . 
F 4 HOH 43  151 105 HOH HOH A . 
F 4 HOH 44  152 106 HOH HOH A . 
F 4 HOH 45  153 107 HOH HOH A . 
F 4 HOH 46  154 110 HOH HOH A . 
F 4 HOH 47  155 111 HOH HOH A . 
F 4 HOH 48  156 115 HOH HOH A . 
F 4 HOH 49  157 116 HOH HOH A . 
F 4 HOH 50  158 121 HOH HOH A . 
F 4 HOH 51  159 123 HOH HOH A . 
F 4 HOH 52  160 128 HOH HOH A . 
F 4 HOH 53  161 129 HOH HOH A . 
F 4 HOH 54  162 131 HOH HOH A . 
F 4 HOH 55  163 134 HOH HOH A . 
F 4 HOH 56  164 136 HOH HOH A . 
F 4 HOH 57  165 137 HOH HOH A . 
F 4 HOH 58  166 138 HOH HOH A . 
F 4 HOH 59  167 139 HOH HOH A . 
F 4 HOH 60  168 142 HOH HOH A . 
F 4 HOH 61  169 143 HOH HOH A . 
F 4 HOH 62  170 146 HOH HOH A . 
F 4 HOH 63  171 147 HOH HOH A . 
F 4 HOH 64  172 152 HOH HOH A . 
F 4 HOH 65  173 155 HOH HOH A . 
F 4 HOH 66  174 159 HOH HOH A . 
F 4 HOH 67  175 160 HOH HOH A . 
F 4 HOH 68  176 164 HOH HOH A . 
F 4 HOH 69  177 169 HOH HOH A . 
F 4 HOH 70  178 176 HOH HOH A . 
F 4 HOH 71  179 177 HOH HOH A . 
F 4 HOH 72  180 178 HOH HOH A . 
F 4 HOH 73  181 182 HOH HOH A . 
F 4 HOH 74  182 187 HOH HOH A . 
F 4 HOH 75  183 188 HOH HOH A . 
F 4 HOH 76  184 191 HOH HOH A . 
F 4 HOH 77  185 192 HOH HOH A . 
F 4 HOH 78  186 205 HOH HOH A . 
F 4 HOH 79  187 206 HOH HOH A . 
F 4 HOH 80  188 207 HOH HOH A . 
F 4 HOH 81  189 208 HOH HOH A . 
F 4 HOH 82  190 218 HOH HOH A . 
F 4 HOH 83  191 220 HOH HOH A . 
F 4 HOH 84  192 223 HOH HOH A . 
F 4 HOH 85  193 225 HOH HOH A . 
F 4 HOH 86  194 227 HOH HOH A . 
F 4 HOH 87  195 228 HOH HOH A . 
F 4 HOH 88  196 233 HOH HOH A . 
F 4 HOH 89  197 234 HOH HOH A . 
F 4 HOH 90  198 235 HOH HOH A . 
F 4 HOH 91  199 237 HOH HOH A . 
F 4 HOH 92  200 238 HOH HOH A . 
F 4 HOH 93  201 239 HOH HOH A . 
F 4 HOH 94  202 240 HOH HOH A . 
F 4 HOH 95  203 241 HOH HOH A . 
F 4 HOH 96  204 244 HOH HOH A . 
F 4 HOH 97  205 245 HOH HOH A . 
F 4 HOH 98  206 247 HOH HOH A . 
F 4 HOH 99  207 249 HOH HOH A . 
F 4 HOH 100 208 250 HOH HOH A . 
F 4 HOH 101 209 252 HOH HOH A . 
F 4 HOH 102 210 253 HOH HOH A . 
F 4 HOH 103 211 254 HOH HOH A . 
F 4 HOH 104 212 255 HOH HOH A . 
F 4 HOH 105 213 259 HOH HOH A . 
F 4 HOH 106 214 260 HOH HOH A . 
F 4 HOH 107 215 261 HOH HOH A . 
F 4 HOH 108 216 262 HOH HOH A . 
F 4 HOH 109 217 263 HOH HOH A . 
F 4 HOH 110 218 266 HOH HOH A . 
F 4 HOH 111 219 269 HOH HOH A . 
F 4 HOH 112 220 270 HOH HOH A . 
F 4 HOH 113 221 272 HOH HOH A . 
F 4 HOH 114 222 273 HOH HOH A . 
G 4 HOH 1   121 5   HOH HOH B . 
G 4 HOH 2   122 6   HOH HOH B . 
G 4 HOH 3   123 7   HOH HOH B . 
G 4 HOH 4   124 11  HOH HOH B . 
G 4 HOH 5   125 12  HOH HOH B . 
G 4 HOH 6   126 17  HOH HOH B . 
G 4 HOH 7   127 18  HOH HOH B . 
G 4 HOH 8   128 20  HOH HOH B . 
G 4 HOH 9   129 21  HOH HOH B . 
G 4 HOH 10  130 22  HOH HOH B . 
G 4 HOH 11  131 23  HOH HOH B . 
G 4 HOH 12  132 24  HOH HOH B . 
G 4 HOH 13  133 25  HOH HOH B . 
G 4 HOH 14  134 26  HOH HOH B . 
G 4 HOH 15  135 28  HOH HOH B . 
G 4 HOH 16  136 31  HOH HOH B . 
G 4 HOH 17  137 34  HOH HOH B . 
G 4 HOH 18  138 35  HOH HOH B . 
G 4 HOH 19  139 36  HOH HOH B . 
G 4 HOH 20  140 37  HOH HOH B . 
G 4 HOH 21  141 39  HOH HOH B . 
G 4 HOH 22  142 40  HOH HOH B . 
G 4 HOH 23  143 42  HOH HOH B . 
G 4 HOH 24  144 44  HOH HOH B . 
G 4 HOH 25  145 47  HOH HOH B . 
G 4 HOH 26  146 49  HOH HOH B . 
G 4 HOH 27  147 51  HOH HOH B . 
G 4 HOH 28  148 55  HOH HOH B . 
G 4 HOH 29  149 58  HOH HOH B . 
G 4 HOH 30  150 59  HOH HOH B . 
G 4 HOH 31  151 63  HOH HOH B . 
G 4 HOH 32  152 65  HOH HOH B . 
G 4 HOH 33  153 66  HOH HOH B . 
G 4 HOH 34  154 68  HOH HOH B . 
G 4 HOH 35  155 69  HOH HOH B . 
G 4 HOH 36  156 71  HOH HOH B . 
G 4 HOH 37  157 72  HOH HOH B . 
G 4 HOH 38  158 74  HOH HOH B . 
G 4 HOH 39  159 76  HOH HOH B . 
G 4 HOH 40  160 77  HOH HOH B . 
G 4 HOH 41  161 79  HOH HOH B . 
G 4 HOH 42  162 82  HOH HOH B . 
G 4 HOH 43  163 84  HOH HOH B . 
G 4 HOH 44  164 85  HOH HOH B . 
G 4 HOH 45  165 88  HOH HOH B . 
G 4 HOH 46  166 91  HOH HOH B . 
G 4 HOH 47  167 94  HOH HOH B . 
G 4 HOH 48  168 96  HOH HOH B . 
G 4 HOH 49  169 97  HOH HOH B . 
G 4 HOH 50  170 100 HOH HOH B . 
G 4 HOH 51  171 101 HOH HOH B . 
G 4 HOH 52  172 104 HOH HOH B . 
G 4 HOH 53  173 112 HOH HOH B . 
G 4 HOH 54  174 113 HOH HOH B . 
G 4 HOH 55  175 114 HOH HOH B . 
G 4 HOH 56  176 118 HOH HOH B . 
G 4 HOH 57  177 120 HOH HOH B . 
G 4 HOH 58  178 124 HOH HOH B . 
G 4 HOH 59  179 126 HOH HOH B . 
G 4 HOH 60  180 130 HOH HOH B . 
G 4 HOH 61  181 132 HOH HOH B . 
G 4 HOH 62  182 133 HOH HOH B . 
G 4 HOH 63  183 135 HOH HOH B . 
G 4 HOH 64  184 141 HOH HOH B . 
G 4 HOH 65  185 144 HOH HOH B . 
G 4 HOH 66  186 145 HOH HOH B . 
G 4 HOH 67  187 148 HOH HOH B . 
G 4 HOH 68  188 149 HOH HOH B . 
G 4 HOH 69  189 150 HOH HOH B . 
G 4 HOH 70  190 151 HOH HOH B . 
G 4 HOH 71  191 154 HOH HOH B . 
G 4 HOH 72  192 156 HOH HOH B . 
G 4 HOH 73  193 157 HOH HOH B . 
G 4 HOH 74  194 158 HOH HOH B . 
G 4 HOH 75  195 161 HOH HOH B . 
G 4 HOH 76  196 162 HOH HOH B . 
G 4 HOH 77  197 163 HOH HOH B . 
G 4 HOH 78  198 165 HOH HOH B . 
G 4 HOH 79  199 166 HOH HOH B . 
G 4 HOH 80  200 167 HOH HOH B . 
G 4 HOH 81  201 168 HOH HOH B . 
G 4 HOH 82  202 170 HOH HOH B . 
G 4 HOH 83  203 171 HOH HOH B . 
G 4 HOH 84  204 172 HOH HOH B . 
G 4 HOH 85  205 173 HOH HOH B . 
G 4 HOH 86  206 179 HOH HOH B . 
G 4 HOH 87  207 181 HOH HOH B . 
G 4 HOH 88  208 183 HOH HOH B . 
G 4 HOH 89  209 189 HOH HOH B . 
G 4 HOH 90  210 194 HOH HOH B . 
G 4 HOH 91  211 195 HOH HOH B . 
G 4 HOH 92  212 196 HOH HOH B . 
G 4 HOH 93  213 197 HOH HOH B . 
G 4 HOH 94  214 198 HOH HOH B . 
G 4 HOH 95  215 199 HOH HOH B . 
G 4 HOH 96  216 200 HOH HOH B . 
G 4 HOH 97  217 202 HOH HOH B . 
G 4 HOH 98  218 204 HOH HOH B . 
G 4 HOH 99  219 209 HOH HOH B . 
G 4 HOH 100 220 210 HOH HOH B . 
G 4 HOH 101 221 211 HOH HOH B . 
G 4 HOH 102 222 212 HOH HOH B . 
G 4 HOH 103 223 215 HOH HOH B . 
G 4 HOH 104 224 216 HOH HOH B . 
G 4 HOH 105 225 217 HOH HOH B . 
G 4 HOH 106 226 224 HOH HOH B . 
G 4 HOH 107 227 226 HOH HOH B . 
G 4 HOH 108 228 229 HOH HOH B . 
G 4 HOH 109 229 230 HOH HOH B . 
G 4 HOH 110 230 231 HOH HOH B . 
G 4 HOH 111 231 232 HOH HOH B . 
G 4 HOH 112 232 236 HOH HOH B . 
G 4 HOH 113 233 248 HOH HOH B . 
G 4 HOH 114 234 251 HOH HOH B . 
G 4 HOH 115 235 256 HOH HOH B . 
G 4 HOH 116 236 257 HOH HOH B . 
G 4 HOH 117 237 258 HOH HOH B . 
G 4 HOH 118 238 264 HOH HOH B . 
G 4 HOH 119 239 265 HOH HOH B . 
G 4 HOH 120 240 267 HOH HOH B . 
G 4 HOH 121 241 268 HOH HOH B . 
G 4 HOH 122 242 271 HOH HOH B . 
# 
_pdbx_struct_assembly.id                   1 
_pdbx_struct_assembly.details              author_defined_assembly 
_pdbx_struct_assembly.method_details       ? 
_pdbx_struct_assembly.oligomeric_details   dimeric 
_pdbx_struct_assembly.oligomeric_count     2 
# 
_pdbx_struct_assembly_gen.assembly_id       1 
_pdbx_struct_assembly_gen.oper_expression   1 
_pdbx_struct_assembly_gen.asym_id_list      A,B,C,D,E,F,G 
# 
_pdbx_struct_oper_list.id                   1 
_pdbx_struct_oper_list.type                 'identity operation' 
_pdbx_struct_oper_list.name                 1_555 
_pdbx_struct_oper_list.symmetry_operation   x,y,z 
_pdbx_struct_oper_list.matrix[1][1]         1.0000000000 
_pdbx_struct_oper_list.matrix[1][2]         0.0000000000 
_pdbx_struct_oper_list.matrix[1][3]         0.0000000000 
_pdbx_struct_oper_list.vector[1]            0.0000000000 
_pdbx_struct_oper_list.matrix[2][1]         0.0000000000 
_pdbx_struct_oper_list.matrix[2][2]         1.0000000000 
_pdbx_struct_oper_list.matrix[2][3]         0.0000000000 
_pdbx_struct_oper_list.vector[2]            0.0000000000 
_pdbx_struct_oper_list.matrix[3][1]         0.0000000000 
_pdbx_struct_oper_list.matrix[3][2]         0.0000000000 
_pdbx_struct_oper_list.matrix[3][3]         1.0000000000 
_pdbx_struct_oper_list.vector[3]            0.0000000000 
# 
loop_
_pdbx_audit_revision_history.ordinal 
_pdbx_audit_revision_history.data_content_type 
_pdbx_audit_revision_history.major_revision 
_pdbx_audit_revision_history.minor_revision 
_pdbx_audit_revision_history.revision_date 
1 'Structure model' 1 0 2007-04-17 
2 'Structure model' 1 1 2007-12-26 
3 'Structure model' 1 2 2011-07-13 
4 'Structure model' 1 3 2023-10-25 
# 
_pdbx_audit_revision_details.ordinal             1 
_pdbx_audit_revision_details.revision_ordinal    1 
_pdbx_audit_revision_details.data_content_type   'Structure model' 
_pdbx_audit_revision_details.provider            repository 
_pdbx_audit_revision_details.type                'Initial release' 
_pdbx_audit_revision_details.description         ? 
_pdbx_audit_revision_details.details             ? 
# 
loop_
_pdbx_audit_revision_group.ordinal 
_pdbx_audit_revision_group.revision_ordinal 
_pdbx_audit_revision_group.data_content_type 
_pdbx_audit_revision_group.group 
1 2 'Structure model' 'Version format compliance' 
2 3 'Structure model' 'Version format compliance' 
3 4 'Structure model' 'Data collection'           
4 4 'Structure model' 'Database references'       
5 4 'Structure model' 'Derived calculations'      
6 4 'Structure model' 'Refinement description'    
# 
loop_
_pdbx_audit_revision_category.ordinal 
_pdbx_audit_revision_category.revision_ordinal 
_pdbx_audit_revision_category.data_content_type 
_pdbx_audit_revision_category.category 
1 4 'Structure model' chem_comp_atom                
2 4 'Structure model' chem_comp_bond                
3 4 'Structure model' database_2                    
4 4 'Structure model' pdbx_initial_refinement_model 
5 4 'Structure model' struct_conn                   
6 4 'Structure model' struct_ref_seq                
7 4 'Structure model' struct_site                   
# 
loop_
_pdbx_audit_revision_item.ordinal 
_pdbx_audit_revision_item.revision_ordinal 
_pdbx_audit_revision_item.data_content_type 
_pdbx_audit_revision_item.item 
1 4 'Structure model' '_database_2.pdbx_DOI'                
2 4 'Structure model' '_database_2.pdbx_database_accession' 
3 4 'Structure model' '_struct_conn.pdbx_leaving_atom_flag' 
4 4 'Structure model' '_struct_ref_seq.db_align_beg'        
5 4 'Structure model' '_struct_ref_seq.db_align_end'        
6 4 'Structure model' '_struct_site.pdbx_auth_asym_id'      
7 4 'Structure model' '_struct_site.pdbx_auth_comp_id'      
8 4 'Structure model' '_struct_site.pdbx_auth_seq_id'       
# 
loop_
_software.name 
_software.classification 
_software.version 
_software.citation_id 
_software.pdbx_ordinal 
DENZO     'data reduction' .   ? 1 
SCALEPACK 'data scaling'   .   ? 2 
AMoRE     phasing          .   ? 3 
CNS       refinement       1.1 ? 4 
# 
loop_
_pdbx_validate_planes.id 
_pdbx_validate_planes.PDB_model_num 
_pdbx_validate_planes.auth_comp_id 
_pdbx_validate_planes.auth_asym_id 
_pdbx_validate_planes.auth_seq_id 
_pdbx_validate_planes.PDB_ins_code 
_pdbx_validate_planes.label_alt_id 
_pdbx_validate_planes.rmsd 
_pdbx_validate_planes.type 
1 1 DC A 9  ? ? 0.062 'SIDE CHAIN' 
2 1 DC A 11 ? ? 0.061 'SIDE CHAIN' 
# 
loop_
_pdbx_unobs_or_zero_occ_atoms.id 
_pdbx_unobs_or_zero_occ_atoms.PDB_model_num 
_pdbx_unobs_or_zero_occ_atoms.polymer_flag 
_pdbx_unobs_or_zero_occ_atoms.occupancy_flag 
_pdbx_unobs_or_zero_occ_atoms.auth_asym_id 
_pdbx_unobs_or_zero_occ_atoms.auth_comp_id 
_pdbx_unobs_or_zero_occ_atoms.auth_seq_id 
_pdbx_unobs_or_zero_occ_atoms.PDB_ins_code 
_pdbx_unobs_or_zero_occ_atoms.auth_atom_id 
_pdbx_unobs_or_zero_occ_atoms.label_alt_id 
_pdbx_unobs_or_zero_occ_atoms.label_asym_id 
_pdbx_unobs_or_zero_occ_atoms.label_comp_id 
_pdbx_unobs_or_zero_occ_atoms.label_seq_id 
_pdbx_unobs_or_zero_occ_atoms.label_atom_id 
1 1 N 0 B CMY 120 ? C4Y ? E CMY ? C4Y 
2 1 N 0 B CMY 120 ? C5Y ? E CMY ? C5Y 
3 1 N 0 B CMY 120 ? C6Y ? E CMY ? C6Y 
4 1 N 0 B CMY 120 ? C7Y ? E CMY ? C7Y 
5 1 N 0 B CMY 120 ? N2Y ? E CMY ? N2Y 
# 
loop_
_chem_comp_atom.comp_id 
_chem_comp_atom.atom_id 
_chem_comp_atom.type_symbol 
_chem_comp_atom.pdbx_aromatic_flag 
_chem_comp_atom.pdbx_stereo_config 
_chem_comp_atom.pdbx_ordinal 
CMY O1Y    O N N 1   
CMY C1Y    C N N 2   
CMY N1Y    N N N 3   
CMY C2Y    C N N 4   
CMY C3Y    C N N 5   
CMY C4Y    C N N 6   
CMY C5Y    C N N 7   
CMY C6Y    C N N 8   
CMY C7Y    C N N 9   
CMY N2Y    N N N 10  
CMY O1     O N N 11  
CMY H1Y    H N N 12  
CMY H1     H N N 13  
CMY H2Y1   H N N 14  
CMY H2Y2   H N N 15  
CMY H3Y1   H N N 16  
CMY H3Y2   H N N 17  
CMY H4Y1   H N N 18  
CMY H4Y2   H N N 19  
CMY H5Y1   H N N 20  
CMY H5Y2   H N N 21  
CMY H6Y1   H N N 22  
CMY H6Y2   H N N 23  
CMY H7Y1   H N N 24  
CMY H7Y2   H N N 25  
CMY H11    H N N 26  
CMY H12    H N N 27  
DA  OP3    O N N 28  
DA  P      P N N 29  
DA  OP1    O N N 30  
DA  OP2    O N N 31  
DA  "O5'"  O N N 32  
DA  "C5'"  C N N 33  
DA  "C4'"  C N R 34  
DA  "O4'"  O N N 35  
DA  "C3'"  C N S 36  
DA  "O3'"  O N N 37  
DA  "C2'"  C N N 38  
DA  "C1'"  C N R 39  
DA  N9     N Y N 40  
DA  C8     C Y N 41  
DA  N7     N Y N 42  
DA  C5     C Y N 43  
DA  C6     C Y N 44  
DA  N6     N N N 45  
DA  N1     N Y N 46  
DA  C2     C Y N 47  
DA  N3     N Y N 48  
DA  C4     C Y N 49  
DA  HOP3   H N N 50  
DA  HOP2   H N N 51  
DA  "H5'"  H N N 52  
DA  "H5''" H N N 53  
DA  "H4'"  H N N 54  
DA  "H3'"  H N N 55  
DA  "HO3'" H N N 56  
DA  "H2'"  H N N 57  
DA  "H2''" H N N 58  
DA  "H1'"  H N N 59  
DA  H8     H N N 60  
DA  H61    H N N 61  
DA  H62    H N N 62  
DA  H2     H N N 63  
DC  OP3    O N N 64  
DC  P      P N N 65  
DC  OP1    O N N 66  
DC  OP2    O N N 67  
DC  "O5'"  O N N 68  
DC  "C5'"  C N N 69  
DC  "C4'"  C N R 70  
DC  "O4'"  O N N 71  
DC  "C3'"  C N S 72  
DC  "O3'"  O N N 73  
DC  "C2'"  C N N 74  
DC  "C1'"  C N R 75  
DC  N1     N N N 76  
DC  C2     C N N 77  
DC  O2     O N N 78  
DC  N3     N N N 79  
DC  C4     C N N 80  
DC  N4     N N N 81  
DC  C5     C N N 82  
DC  C6     C N N 83  
DC  HOP3   H N N 84  
DC  HOP2   H N N 85  
DC  "H5'"  H N N 86  
DC  "H5''" H N N 87  
DC  "H4'"  H N N 88  
DC  "H3'"  H N N 89  
DC  "HO3'" H N N 90  
DC  "H2'"  H N N 91  
DC  "H2''" H N N 92  
DC  "H1'"  H N N 93  
DC  H41    H N N 94  
DC  H42    H N N 95  
DC  H5     H N N 96  
DC  H6     H N N 97  
DG  OP3    O N N 98  
DG  P      P N N 99  
DG  OP1    O N N 100 
DG  OP2    O N N 101 
DG  "O5'"  O N N 102 
DG  "C5'"  C N N 103 
DG  "C4'"  C N R 104 
DG  "O4'"  O N N 105 
DG  "C3'"  C N S 106 
DG  "O3'"  O N N 107 
DG  "C2'"  C N N 108 
DG  "C1'"  C N R 109 
DG  N9     N Y N 110 
DG  C8     C Y N 111 
DG  N7     N Y N 112 
DG  C5     C Y N 113 
DG  C6     C N N 114 
DG  O6     O N N 115 
DG  N1     N N N 116 
DG  C2     C N N 117 
DG  N2     N N N 118 
DG  N3     N N N 119 
DG  C4     C Y N 120 
DG  HOP3   H N N 121 
DG  HOP2   H N N 122 
DG  "H5'"  H N N 123 
DG  "H5''" H N N 124 
DG  "H4'"  H N N 125 
DG  "H3'"  H N N 126 
DG  "HO3'" H N N 127 
DG  "H2'"  H N N 128 
DG  "H2''" H N N 129 
DG  "H1'"  H N N 130 
DG  H8     H N N 131 
DG  H1     H N N 132 
DG  H21    H N N 133 
DG  H22    H N N 134 
DT  OP3    O N N 135 
DT  P      P N N 136 
DT  OP1    O N N 137 
DT  OP2    O N N 138 
DT  "O5'"  O N N 139 
DT  "C5'"  C N N 140 
DT  "C4'"  C N R 141 
DT  "O4'"  O N N 142 
DT  "C3'"  C N S 143 
DT  "O3'"  O N N 144 
DT  "C2'"  C N N 145 
DT  "C1'"  C N R 146 
DT  N1     N N N 147 
DT  C2     C N N 148 
DT  O2     O N N 149 
DT  N3     N N N 150 
DT  C4     C N N 151 
DT  O4     O N N 152 
DT  C5     C N N 153 
DT  C7     C N N 154 
DT  C6     C N N 155 
DT  HOP3   H N N 156 
DT  HOP2   H N N 157 
DT  "H5'"  H N N 158 
DT  "H5''" H N N 159 
DT  "H4'"  H N N 160 
DT  "H3'"  H N N 161 
DT  "HO3'" H N N 162 
DT  "H2'"  H N N 163 
DT  "H2''" H N N 164 
DT  "H1'"  H N N 165 
DT  H3     H N N 166 
DT  H71    H N N 167 
DT  H72    H N N 168 
DT  H73    H N N 169 
DT  H6     H N N 170 
DU  OP3    O N N 171 
DU  P      P N N 172 
DU  OP1    O N N 173 
DU  OP2    O N N 174 
DU  "O5'"  O N N 175 
DU  "C5'"  C N N 176 
DU  "C4'"  C N R 177 
DU  "O4'"  O N N 178 
DU  "C3'"  C N S 179 
DU  "O3'"  O N N 180 
DU  "C2'"  C N N 181 
DU  "C1'"  C N R 182 
DU  N1     N N N 183 
DU  C2     C N N 184 
DU  O2     O N N 185 
DU  N3     N N N 186 
DU  C4     C N N 187 
DU  O4     O N N 188 
DU  C5     C N N 189 
DU  C6     C N N 190 
DU  HOP3   H N N 191 
DU  HOP2   H N N 192 
DU  "H5'"  H N N 193 
DU  "H5''" H N N 194 
DU  "H4'"  H N N 195 
DU  "H3'"  H N N 196 
DU  "HO3'" H N N 197 
DU  "H2'"  H N N 198 
DU  "H2''" H N N 199 
DU  "H1'"  H N N 200 
DU  H3     H N N 201 
DU  H5     H N N 202 
DU  H6     H N N 203 
HOH O      O N N 204 
HOH H1     H N N 205 
HOH H2     H N N 206 
K   K      K N N 207 
# 
loop_
_chem_comp_bond.comp_id 
_chem_comp_bond.atom_id_1 
_chem_comp_bond.atom_id_2 
_chem_comp_bond.value_order 
_chem_comp_bond.pdbx_aromatic_flag 
_chem_comp_bond.pdbx_stereo_config 
_chem_comp_bond.pdbx_ordinal 
CMY O1Y   C1Y    sing N N 1   
CMY O1Y   H1Y    sing N N 2   
CMY C1Y   N1Y    sing N N 3   
CMY C1Y   O1     doub N N 4   
CMY N1Y   C2Y    sing N N 5   
CMY N1Y   H1     sing N N 6   
CMY C2Y   C3Y    sing N N 7   
CMY C2Y   H2Y1   sing N N 8   
CMY C2Y   H2Y2   sing N N 9   
CMY C3Y   C4Y    sing N N 10  
CMY C3Y   H3Y1   sing N N 11  
CMY C3Y   H3Y2   sing N N 12  
CMY C4Y   C5Y    sing N N 13  
CMY C4Y   H4Y1   sing N N 14  
CMY C4Y   H4Y2   sing N N 15  
CMY C5Y   C6Y    sing N N 16  
CMY C5Y   H5Y1   sing N N 17  
CMY C5Y   H5Y2   sing N N 18  
CMY C6Y   C7Y    sing N N 19  
CMY C6Y   H6Y1   sing N N 20  
CMY C6Y   H6Y2   sing N N 21  
CMY C7Y   N2Y    sing N N 22  
CMY C7Y   H7Y1   sing N N 23  
CMY C7Y   H7Y2   sing N N 24  
CMY N2Y   H11    sing N N 25  
CMY N2Y   H12    sing N N 26  
DA  OP3   P      sing N N 27  
DA  OP3   HOP3   sing N N 28  
DA  P     OP1    doub N N 29  
DA  P     OP2    sing N N 30  
DA  P     "O5'"  sing N N 31  
DA  OP2   HOP2   sing N N 32  
DA  "O5'" "C5'"  sing N N 33  
DA  "C5'" "C4'"  sing N N 34  
DA  "C5'" "H5'"  sing N N 35  
DA  "C5'" "H5''" sing N N 36  
DA  "C4'" "O4'"  sing N N 37  
DA  "C4'" "C3'"  sing N N 38  
DA  "C4'" "H4'"  sing N N 39  
DA  "O4'" "C1'"  sing N N 40  
DA  "C3'" "O3'"  sing N N 41  
DA  "C3'" "C2'"  sing N N 42  
DA  "C3'" "H3'"  sing N N 43  
DA  "O3'" "HO3'" sing N N 44  
DA  "C2'" "C1'"  sing N N 45  
DA  "C2'" "H2'"  sing N N 46  
DA  "C2'" "H2''" sing N N 47  
DA  "C1'" N9     sing N N 48  
DA  "C1'" "H1'"  sing N N 49  
DA  N9    C8     sing Y N 50  
DA  N9    C4     sing Y N 51  
DA  C8    N7     doub Y N 52  
DA  C8    H8     sing N N 53  
DA  N7    C5     sing Y N 54  
DA  C5    C6     sing Y N 55  
DA  C5    C4     doub Y N 56  
DA  C6    N6     sing N N 57  
DA  C6    N1     doub Y N 58  
DA  N6    H61    sing N N 59  
DA  N6    H62    sing N N 60  
DA  N1    C2     sing Y N 61  
DA  C2    N3     doub Y N 62  
DA  C2    H2     sing N N 63  
DA  N3    C4     sing Y N 64  
DC  OP3   P      sing N N 65  
DC  OP3   HOP3   sing N N 66  
DC  P     OP1    doub N N 67  
DC  P     OP2    sing N N 68  
DC  P     "O5'"  sing N N 69  
DC  OP2   HOP2   sing N N 70  
DC  "O5'" "C5'"  sing N N 71  
DC  "C5'" "C4'"  sing N N 72  
DC  "C5'" "H5'"  sing N N 73  
DC  "C5'" "H5''" sing N N 74  
DC  "C4'" "O4'"  sing N N 75  
DC  "C4'" "C3'"  sing N N 76  
DC  "C4'" "H4'"  sing N N 77  
DC  "O4'" "C1'"  sing N N 78  
DC  "C3'" "O3'"  sing N N 79  
DC  "C3'" "C2'"  sing N N 80  
DC  "C3'" "H3'"  sing N N 81  
DC  "O3'" "HO3'" sing N N 82  
DC  "C2'" "C1'"  sing N N 83  
DC  "C2'" "H2'"  sing N N 84  
DC  "C2'" "H2''" sing N N 85  
DC  "C1'" N1     sing N N 86  
DC  "C1'" "H1'"  sing N N 87  
DC  N1    C2     sing N N 88  
DC  N1    C6     sing N N 89  
DC  C2    O2     doub N N 90  
DC  C2    N3     sing N N 91  
DC  N3    C4     doub N N 92  
DC  C4    N4     sing N N 93  
DC  C4    C5     sing N N 94  
DC  N4    H41    sing N N 95  
DC  N4    H42    sing N N 96  
DC  C5    C6     doub N N 97  
DC  C5    H5     sing N N 98  
DC  C6    H6     sing N N 99  
DG  OP3   P      sing N N 100 
DG  OP3   HOP3   sing N N 101 
DG  P     OP1    doub N N 102 
DG  P     OP2    sing N N 103 
DG  P     "O5'"  sing N N 104 
DG  OP2   HOP2   sing N N 105 
DG  "O5'" "C5'"  sing N N 106 
DG  "C5'" "C4'"  sing N N 107 
DG  "C5'" "H5'"  sing N N 108 
DG  "C5'" "H5''" sing N N 109 
DG  "C4'" "O4'"  sing N N 110 
DG  "C4'" "C3'"  sing N N 111 
DG  "C4'" "H4'"  sing N N 112 
DG  "O4'" "C1'"  sing N N 113 
DG  "C3'" "O3'"  sing N N 114 
DG  "C3'" "C2'"  sing N N 115 
DG  "C3'" "H3'"  sing N N 116 
DG  "O3'" "HO3'" sing N N 117 
DG  "C2'" "C1'"  sing N N 118 
DG  "C2'" "H2'"  sing N N 119 
DG  "C2'" "H2''" sing N N 120 
DG  "C1'" N9     sing N N 121 
DG  "C1'" "H1'"  sing N N 122 
DG  N9    C8     sing Y N 123 
DG  N9    C4     sing Y N 124 
DG  C8    N7     doub Y N 125 
DG  C8    H8     sing N N 126 
DG  N7    C5     sing Y N 127 
DG  C5    C6     sing N N 128 
DG  C5    C4     doub Y N 129 
DG  C6    O6     doub N N 130 
DG  C6    N1     sing N N 131 
DG  N1    C2     sing N N 132 
DG  N1    H1     sing N N 133 
DG  C2    N2     sing N N 134 
DG  C2    N3     doub N N 135 
DG  N2    H21    sing N N 136 
DG  N2    H22    sing N N 137 
DG  N3    C4     sing N N 138 
DT  OP3   P      sing N N 139 
DT  OP3   HOP3   sing N N 140 
DT  P     OP1    doub N N 141 
DT  P     OP2    sing N N 142 
DT  P     "O5'"  sing N N 143 
DT  OP2   HOP2   sing N N 144 
DT  "O5'" "C5'"  sing N N 145 
DT  "C5'" "C4'"  sing N N 146 
DT  "C5'" "H5'"  sing N N 147 
DT  "C5'" "H5''" sing N N 148 
DT  "C4'" "O4'"  sing N N 149 
DT  "C4'" "C3'"  sing N N 150 
DT  "C4'" "H4'"  sing N N 151 
DT  "O4'" "C1'"  sing N N 152 
DT  "C3'" "O3'"  sing N N 153 
DT  "C3'" "C2'"  sing N N 154 
DT  "C3'" "H3'"  sing N N 155 
DT  "O3'" "HO3'" sing N N 156 
DT  "C2'" "C1'"  sing N N 157 
DT  "C2'" "H2'"  sing N N 158 
DT  "C2'" "H2''" sing N N 159 
DT  "C1'" N1     sing N N 160 
DT  "C1'" "H1'"  sing N N 161 
DT  N1    C2     sing N N 162 
DT  N1    C6     sing N N 163 
DT  C2    O2     doub N N 164 
DT  C2    N3     sing N N 165 
DT  N3    C4     sing N N 166 
DT  N3    H3     sing N N 167 
DT  C4    O4     doub N N 168 
DT  C4    C5     sing N N 169 
DT  C5    C7     sing N N 170 
DT  C5    C6     doub N N 171 
DT  C7    H71    sing N N 172 
DT  C7    H72    sing N N 173 
DT  C7    H73    sing N N 174 
DT  C6    H6     sing N N 175 
DU  OP3   P      sing N N 176 
DU  OP3   HOP3   sing N N 177 
DU  P     OP1    doub N N 178 
DU  P     OP2    sing N N 179 
DU  P     "O5'"  sing N N 180 
DU  OP2   HOP2   sing N N 181 
DU  "O5'" "C5'"  sing N N 182 
DU  "C5'" "C4'"  sing N N 183 
DU  "C5'" "H5'"  sing N N 184 
DU  "C5'" "H5''" sing N N 185 
DU  "C4'" "O4'"  sing N N 186 
DU  "C4'" "C3'"  sing N N 187 
DU  "C4'" "H4'"  sing N N 188 
DU  "O4'" "C1'"  sing N N 189 
DU  "C3'" "O3'"  sing N N 190 
DU  "C3'" "C2'"  sing N N 191 
DU  "C3'" "H3'"  sing N N 192 
DU  "O3'" "HO3'" sing N N 193 
DU  "C2'" "C1'"  sing N N 194 
DU  "C2'" "H2'"  sing N N 195 
DU  "C2'" "H2''" sing N N 196 
DU  "C1'" N1     sing N N 197 
DU  "C1'" "H1'"  sing N N 198 
DU  N1    C2     sing N N 199 
DU  N1    C6     sing N N 200 
DU  C2    O2     doub N N 201 
DU  C2    N3     sing N N 202 
DU  N3    C4     sing N N 203 
DU  N3    H3     sing N N 204 
DU  C4    O4     doub N N 205 
DU  C4    C5     sing N N 206 
DU  C5    C6     doub N N 207 
DU  C5    H5     sing N N 208 
DU  C6    H6     sing N N 209 
HOH O     H1     sing N N 210 
HOH O     H2     sing N N 211 
# 
loop_
_ndb_struct_conf_na.entry_id 
_ndb_struct_conf_na.feature 
2DPB 'double helix'        
2DPB 'b-form double helix' 
# 
loop_
_ndb_struct_na_base_pair.model_number 
_ndb_struct_na_base_pair.i_label_asym_id 
_ndb_struct_na_base_pair.i_label_comp_id 
_ndb_struct_na_base_pair.i_label_seq_id 
_ndb_struct_na_base_pair.i_symmetry 
_ndb_struct_na_base_pair.j_label_asym_id 
_ndb_struct_na_base_pair.j_label_comp_id 
_ndb_struct_na_base_pair.j_label_seq_id 
_ndb_struct_na_base_pair.j_symmetry 
_ndb_struct_na_base_pair.shear 
_ndb_struct_na_base_pair.stretch 
_ndb_struct_na_base_pair.stagger 
_ndb_struct_na_base_pair.buckle 
_ndb_struct_na_base_pair.propeller 
_ndb_struct_na_base_pair.opening 
_ndb_struct_na_base_pair.pair_number 
_ndb_struct_na_base_pair.pair_name 
_ndb_struct_na_base_pair.i_auth_asym_id 
_ndb_struct_na_base_pair.i_auth_seq_id 
_ndb_struct_na_base_pair.i_PDB_ins_code 
_ndb_struct_na_base_pair.j_auth_asym_id 
_ndb_struct_na_base_pair.j_auth_seq_id 
_ndb_struct_na_base_pair.j_PDB_ins_code 
_ndb_struct_na_base_pair.hbond_type_28 
_ndb_struct_na_base_pair.hbond_type_12 
1 A DC 1  1_555 B DG 12 1_555 0.177  -0.187 0.223 2.739   -15.604 -0.097 1  A_DC1:DG24_B  A 1  ? B 24 ? 19 1 
1 A DG 2  1_555 B DC 11 1_555 -0.247 -0.209 0.607 6.266   -16.400 -1.046 2  A_DG2:DC23_B  A 2  ? B 23 ? 19 1 
1 A DC 3  1_555 B DG 10 1_555 0.054  -0.199 0.268 -3.192  -2.398  -0.886 3  A_DC3:DG22_B  A 3  ? B 22 ? 19 1 
1 A DG 4  1_555 B DC 9  1_555 0.108  -0.240 0.198 17.206  -8.145  0.722  4  A_DG4:DC21_B  A 4  ? B 21 ? 19 1 
1 A DA 5  1_555 B DU 8  1_555 -0.004 -0.080 0.140 11.945  -18.756 1.411  5  A_DA5:DU20_B  A 5  ? B 20 ? 20 1 
1 A DA 6  1_555 B DT 7  1_555 0.050  -0.120 0.118 3.644   -20.625 4.060  6  A_DA6:DT19_B  A 6  ? B 19 ? 20 1 
1 A DT 7  1_555 B DA 6  1_555 -0.046 -0.110 0.120 -0.475  -18.537 4.485  7  A_DT7:DA18_B  A 7  ? B 18 ? 20 1 
1 A DU 8  1_555 B DA 5  1_555 0.017  -0.140 0.181 -6.903  -12.719 3.695  8  A_DU8:DA17_B  A 8  ? B 17 ? 20 1 
1 A DC 9  1_555 B DG 4  1_555 0.198  -0.140 0.088 -11.252 -7.681  -2.057 9  A_DC9:DG16_B  A 9  ? B 16 ? 19 1 
1 A DG 10 1_555 B DC 3  1_555 -0.079 -0.089 0.311 7.623   -11.019 3.737  10 A_DG10:DC15_B A 10 ? B 15 ? 19 1 
1 A DC 11 1_555 B DG 2  1_555 0.087  -0.234 0.222 3.967   -22.764 -3.988 11 A_DC11:DG14_B A 11 ? B 14 ? 19 1 
1 A DG 12 1_555 B DC 1  1_555 -0.192 -0.030 0.298 3.934   -7.031  -1.524 12 A_DG12:DC13_B A 12 ? B 13 ? 19 1 
# 
loop_
_ndb_struct_na_base_pair_step.model_number 
_ndb_struct_na_base_pair_step.i_label_asym_id_1 
_ndb_struct_na_base_pair_step.i_label_comp_id_1 
_ndb_struct_na_base_pair_step.i_label_seq_id_1 
_ndb_struct_na_base_pair_step.i_symmetry_1 
_ndb_struct_na_base_pair_step.j_label_asym_id_1 
_ndb_struct_na_base_pair_step.j_label_comp_id_1 
_ndb_struct_na_base_pair_step.j_label_seq_id_1 
_ndb_struct_na_base_pair_step.j_symmetry_1 
_ndb_struct_na_base_pair_step.i_label_asym_id_2 
_ndb_struct_na_base_pair_step.i_label_comp_id_2 
_ndb_struct_na_base_pair_step.i_label_seq_id_2 
_ndb_struct_na_base_pair_step.i_symmetry_2 
_ndb_struct_na_base_pair_step.j_label_asym_id_2 
_ndb_struct_na_base_pair_step.j_label_comp_id_2 
_ndb_struct_na_base_pair_step.j_label_seq_id_2 
_ndb_struct_na_base_pair_step.j_symmetry_2 
_ndb_struct_na_base_pair_step.shift 
_ndb_struct_na_base_pair_step.slide 
_ndb_struct_na_base_pair_step.rise 
_ndb_struct_na_base_pair_step.tilt 
_ndb_struct_na_base_pair_step.roll 
_ndb_struct_na_base_pair_step.twist 
_ndb_struct_na_base_pair_step.x_displacement 
_ndb_struct_na_base_pair_step.y_displacement 
_ndb_struct_na_base_pair_step.helical_rise 
_ndb_struct_na_base_pair_step.inclination 
_ndb_struct_na_base_pair_step.tip 
_ndb_struct_na_base_pair_step.helical_twist 
_ndb_struct_na_base_pair_step.step_number 
_ndb_struct_na_base_pair_step.step_name 
_ndb_struct_na_base_pair_step.i_auth_asym_id_1 
_ndb_struct_na_base_pair_step.i_auth_seq_id_1 
_ndb_struct_na_base_pair_step.i_PDB_ins_code_1 
_ndb_struct_na_base_pair_step.j_auth_asym_id_1 
_ndb_struct_na_base_pair_step.j_auth_seq_id_1 
_ndb_struct_na_base_pair_step.j_PDB_ins_code_1 
_ndb_struct_na_base_pair_step.i_auth_asym_id_2 
_ndb_struct_na_base_pair_step.i_auth_seq_id_2 
_ndb_struct_na_base_pair_step.i_PDB_ins_code_2 
_ndb_struct_na_base_pair_step.j_auth_asym_id_2 
_ndb_struct_na_base_pair_step.j_auth_seq_id_2 
_ndb_struct_na_base_pair_step.j_PDB_ins_code_2 
1 A DC 1  1_555 B DG 12 1_555 A DG 2  1_555 B DC 11 1_555 -0.184 0.135  3.212 -2.931 5.151   36.709 -0.466 -0.097 3.206 8.114   
4.616  37.168 1  AA_DC1DG2:DC23DG24_BB   A 1  ? B 24 ? A 2  ? B 23 ? 
1 A DG 2  1_555 B DC 11 1_555 A DC 3  1_555 B DG 10 1_555 0.607  0.294  3.687 2.500  -11.083 38.775 1.831  -0.564 3.507 -16.273 
-3.671 40.343 2  AA_DG2DC3:DG22DC23_BB   A 2  ? B 23 ? A 3  ? B 22 ? 
1 A DC 3  1_555 B DG 10 1_555 A DG 4  1_555 B DC 9  1_555 -0.076 0.539  2.906 1.137  7.286   26.328 -0.509 0.418  2.940 15.611  
-2.437 27.324 3  AA_DC3DG4:DC21DG22_BB   A 3  ? B 22 ? A 4  ? B 21 ? 
1 A DG 4  1_555 B DC 9  1_555 A DA 5  1_555 B DU 8  1_555 -0.721 0.277  3.412 -1.279 0.391   37.951 0.373  0.938  3.436 0.600   
1.967  37.974 4  AA_DG4DA5:DU20DC21_BB   A 4  ? B 21 ? A 5  ? B 20 ? 
1 A DA 5  1_555 B DU 8  1_555 A DA 6  1_555 B DT 7  1_555 0.147  -0.383 3.347 -0.862 0.453   38.336 -0.641 -0.334 3.339 0.690   
1.312  38.348 5  AA_DA5DA6:DT19DU20_BB   A 5  ? B 20 ? A 6  ? B 19 ? 
1 A DA 6  1_555 B DT 7  1_555 A DT 7  1_555 B DA 6  1_555 0.151  -0.534 3.294 -0.113 -2.382  32.369 -0.533 -0.290 3.323 -4.265  
0.202  32.454 6  AA_DA6DT7:DA18DT19_BB   A 6  ? B 19 ? A 7  ? B 18 ? 
1 A DT 7  1_555 B DA 6  1_555 A DU 8  1_555 B DA 5  1_555 0.252  -0.556 3.383 0.847  -1.805  33.995 -0.652 -0.291 3.412 -3.084  
-1.448 34.051 7  AA_DT7DU8:DA17DA18_BB   A 7  ? B 18 ? A 8  ? B 17 ? 
1 A DU 8  1_555 B DA 5  1_555 A DC 9  1_555 B DG 4  1_555 -0.249 -0.329 3.388 1.850  -4.372  41.671 0.014  0.548  3.391 -6.122  
-2.590 41.929 8  AA_DU8DC9:DG16DA17_BB   A 8  ? B 17 ? A 9  ? B 16 ? 
1 A DC 9  1_555 B DG 4  1_555 A DG 10 1_555 B DC 3  1_555 0.506  0.628  2.888 -2.456 7.362   25.284 -0.396 -1.696 2.890 16.334  
5.450  26.430 9  AA_DC9DG10:DC15DG16_BB  A 9  ? B 16 ? A 10 ? B 15 ? 
1 A DG 10 1_555 B DC 3  1_555 A DC 11 1_555 B DG 2  1_555 -1.271 0.721  3.450 -3.604 -14.077 43.383 2.213  1.310  3.171 -18.437 
4.720  45.641 10 AA_DG10DC11:DG14DC15_BB A 10 ? B 15 ? A 11 ? B 14 ? 
1 A DC 11 1_555 B DG 2  1_555 A DG 12 1_555 B DC 1  1_555 -0.147 0.134  3.245 -1.343 7.171   32.682 -0.947 0.035  3.205 12.548  
2.350  33.465 11 AA_DC11DG12:DC13DG14_BB A 11 ? B 14 ? A 12 ? B 13 ? 
# 
loop_
_pdbx_entity_nonpoly.entity_id 
_pdbx_entity_nonpoly.name 
_pdbx_entity_nonpoly.comp_id 
2 '(6-AMINOHEXYL)CARBAMIC ACID' CMY 
3 'POTASSIUM ION'               K   
4 water                         HOH 
# 
_pdbx_initial_refinement_model.id               1 
_pdbx_initial_refinement_model.entity_id_list   ? 
_pdbx_initial_refinement_model.type             'experimental model' 
_pdbx_initial_refinement_model.source_name      PDB 
_pdbx_initial_refinement_model.accession_code   355D 
_pdbx_initial_refinement_model.details          'PDB ENTRY 355D' 
# 
